data_7YS6
#
_entry.id   7YS6
#
_cell.length_a   1.00
_cell.length_b   1.00
_cell.length_c   1.00
_cell.angle_alpha   90.00
_cell.angle_beta   90.00
_cell.angle_gamma   90.00
#
_symmetry.space_group_name_H-M   'P 1'
#
loop_
_entity.id
_entity.type
_entity.pdbx_description
1 polymer '5-hydroxytryptamine receptor 6'
2 polymer 'Guanine nucleotide-binding protein G(I)/G(S)/G(T) subunit beta-1'
3 polymer 'Guanine nucleotide-binding protein G(I)/G(S)/G(O) subunit gamma-2'
4 polymer scFv16
5 polymer 'Isoform Gnas-2 of Guanine nucleotide-binding protein G(s) subunit alpha isoforms short'
6 non-polymer SEROTONIN
#
loop_
_entity_poly.entity_id
_entity_poly.type
_entity_poly.pdbx_seq_one_letter_code
_entity_poly.pdbx_strand_id
1 'polypeptide(L)'
;GGSGWVAAALCVVIALTAAANSLLIALICTQPALRNTSNFFLVSLFTSDLMVGLVVMPPAMLNALYGRWVLARGLCLLWT
AFDVMCCSASILNLCLISLDRYLLILSPLRYKLRMTPLRALALVLGAWSLAALASFLPLLLGWHELGHARPPVPGQCRLL
ASLPFVLVASGLTFFLPSGAICFTYCRILLAARKQAVQVASLTTGMASADSRRLATKHSRKALKASLTLGILLGMFFVTW
LPFFVANIVQAVCDCISPGLFDVLTWLGYCNSTMNPIIYPLFMRDFKRALGRFLPCPRCPRERQ
;
A
2 'polypeptide(L)'
;MHHHHHHENLYFQGGSSGSELDQLRQEAEQLKNQIRDARKACADATLSQITNNIDPVGRIQMRTRRTLRGHLAKIYAMHW
GTDSRLLVSASQDGKLIIWDSYTTNKVHAIPLRSSWVMTCAYAPSGNYVACGGLDNICSIYNLKTREGNVRVSRELAGHT
GYLSCCRFLDDNQIVTSSGDTTCALWDIETGQQTTTFTGHTGDVMSLSLAPDTRLFVSGACDASAKLWDVREGMCRQTFT
GHESDINAICFFPNGNAFATGSDDATCRLFDLRADQELMTYSHDNIICGITSVSFSKSGRLLLAGYDDFNCNVWDALKAD
RAGVLAGHDNRVSCLGVTDDGMAVATGSWDSFLKIWN
;
C
3 'polypeptide(L)' MASNNTASIAQARKLVEQLKMEANIDRIKVSKAAADLMAYCEAHAKEDPLLTPVPASENPFREKKFFCAIL D
4 'polypeptide(L)'
;DVQLVESGGGLVQPGGSRKLSCSASGFAFSSFGMHWVRQAPEKGLEWVAYISSGSGTIYYADTVKGRFTISRDDPKNTLF
LQMTSLRSEDTAMYYCVRSIYYYGSSPFDFWGQGTTLTVSSGGGGSGGGGSGGGGSDIVMTQATSSVPVTPGESVSISCR
SSKSLLHSNGNTYLYWFLQRPGQSPQLLIYRMSNLASGVPDRFSGSGSGTAFTLTISRLEAEDVGVYYCMQHLEYPLTFG
AGTKLELKAAAENLYFQGHHHHHHHH
;
E
5 'polypeptide(L)'
;MGCTLSAEDKAAVERSKMIEKQLQKDKQVYRATHRLLLLGAGESGKSTIVKQMRILHVNGFNGDSEKATKVQDIKNNLKE
AIETIVAAMSNLVPPVELANPENQFRVDYILSVMNVPDFDFPPEFYEHAKALWEDEGVRACYERSNEYQLIDCAQYFLDK
IDVIKQADYVPSDQDLLRCRVLTSGIFETKFQVDKVNFHMFDVGGQRDERRKWIQCFNDVTAIIFVVASSSYNMVIREDN
QTNRLQEALNLFKSIWNNRWLRTISVILFLNKQDLLAEKVLAGKSKIEDYFPEFARYTTPEDATPEPGEDPRVTRAKYFI
RDEFLRISTASGDGRHYCYPHFTCAVDTENIRRVFNDCRDIIQRMHLRQYELL
;
B
#
# COMPACT_ATOMS: atom_id res chain seq x y z
N ALA A 8 0.70 -49.32 13.70
CA ALA A 8 0.83 -48.67 15.00
C ALA A 8 1.17 -47.19 14.83
N ALA A 9 2.46 -46.86 14.85
CA ALA A 9 2.92 -45.50 14.66
C ALA A 9 2.93 -45.08 13.18
N LEU A 10 2.75 -46.03 12.27
CA LEU A 10 2.81 -45.77 10.83
C LEU A 10 1.62 -44.98 10.31
N CYS A 11 0.49 -44.95 11.03
CA CYS A 11 -0.61 -44.06 10.68
C CYS A 11 -0.59 -42.77 11.48
N VAL A 12 0.03 -42.80 12.67
CA VAL A 12 0.23 -41.59 13.46
C VAL A 12 1.21 -40.66 12.76
N VAL A 13 2.23 -41.24 12.10
CA VAL A 13 3.16 -40.43 11.31
C VAL A 13 2.50 -39.92 10.02
N ILE A 14 1.49 -40.63 9.51
CA ILE A 14 0.72 -40.18 8.35
C ILE A 14 -0.13 -38.96 8.71
N ALA A 15 -0.82 -39.03 9.85
CA ALA A 15 -1.63 -37.91 10.34
C ALA A 15 -0.76 -36.72 10.74
N LEU A 16 0.44 -37.00 11.26
CA LEU A 16 1.38 -35.94 11.66
C LEU A 16 1.92 -35.19 10.44
N THR A 17 2.36 -35.93 9.39
CA THR A 17 2.90 -35.22 8.23
C THR A 17 1.80 -34.59 7.39
N ALA A 18 0.56 -35.11 7.44
CA ALA A 18 -0.55 -34.51 6.72
C ALA A 18 -0.99 -33.22 7.38
N ALA A 19 -1.12 -33.22 8.72
CA ALA A 19 -1.50 -32.03 9.46
C ALA A 19 -0.41 -30.96 9.43
N ALA A 20 0.87 -31.38 9.51
CA ALA A 20 1.99 -30.44 9.46
C ALA A 20 2.16 -29.81 8.09
N ASN A 21 2.02 -30.59 7.01
CA ASN A 21 2.19 -30.03 5.67
C ASN A 21 0.97 -29.21 5.24
N SER A 22 -0.24 -29.60 5.66
CA SER A 22 -1.42 -28.78 5.39
C SER A 22 -1.39 -27.46 6.17
N LEU A 23 -0.81 -27.49 7.37
CA LEU A 23 -0.72 -26.27 8.16
C LEU A 23 0.33 -25.36 7.56
N LEU A 24 1.42 -25.95 7.10
CA LEU A 24 2.49 -25.14 6.53
C LEU A 24 2.09 -24.51 5.20
N ILE A 25 1.36 -25.26 4.36
CA ILE A 25 0.82 -24.73 3.11
C ILE A 25 -0.23 -23.64 3.38
N ALA A 26 -1.03 -23.81 4.44
CA ALA A 26 -1.98 -22.77 4.86
C ALA A 26 -1.27 -21.53 5.40
N LEU A 27 -0.16 -21.75 6.12
CA LEU A 27 0.59 -20.64 6.69
C LEU A 27 1.09 -19.81 5.57
N ILE A 28 1.72 -20.45 4.61
CA ILE A 28 2.31 -19.66 3.53
C ILE A 28 1.22 -19.00 2.67
N CYS A 29 0.19 -19.75 2.26
CA CYS A 29 -0.78 -19.25 1.31
C CYS A 29 -1.79 -18.27 1.90
N THR A 30 -1.88 -18.17 3.23
CA THR A 30 -2.75 -17.16 3.84
C THR A 30 -2.00 -15.94 4.35
N GLN A 31 -0.73 -16.09 4.73
CA GLN A 31 0.03 -14.96 5.24
C GLN A 31 0.50 -14.08 4.09
N PRO A 32 0.23 -12.76 4.14
CA PRO A 32 0.68 -11.89 3.05
C PRO A 32 2.16 -11.54 3.09
N ALA A 33 2.83 -11.72 4.23
CA ALA A 33 4.24 -11.40 4.34
C ALA A 33 5.14 -12.46 3.72
N LEU A 34 4.63 -13.67 3.51
CA LEU A 34 5.39 -14.77 2.93
C LEU A 34 5.07 -14.99 1.46
N ARG A 35 4.81 -13.91 0.73
CA ARG A 35 4.45 -13.98 -0.69
C ARG A 35 5.64 -13.75 -1.61
N ASN A 36 6.86 -13.85 -1.09
CA ASN A 36 8.05 -13.62 -1.89
C ASN A 36 8.35 -14.81 -2.79
N THR A 37 9.22 -14.58 -3.77
CA THR A 37 9.58 -15.61 -4.74
C THR A 37 10.55 -16.64 -4.19
N SER A 38 11.18 -16.38 -3.04
CA SER A 38 12.10 -17.34 -2.45
C SER A 38 11.36 -18.49 -1.77
N ASN A 39 10.10 -18.30 -1.40
CA ASN A 39 9.34 -19.32 -0.70
C ASN A 39 8.52 -20.21 -1.62
N PHE A 40 8.56 -19.97 -2.93
CA PHE A 40 7.86 -20.83 -3.89
C PHE A 40 8.52 -22.18 -4.02
N PHE A 41 9.83 -22.25 -3.83
CA PHE A 41 10.54 -23.53 -3.83
C PHE A 41 10.22 -24.34 -2.58
N LEU A 42 10.04 -23.65 -1.44
CA LEU A 42 9.58 -24.30 -0.23
C LEU A 42 8.12 -24.74 -0.33
N VAL A 43 7.31 -23.97 -1.09
CA VAL A 43 5.94 -24.36 -1.41
C VAL A 43 5.92 -25.64 -2.26
N SER A 44 6.82 -25.72 -3.26
CA SER A 44 6.93 -26.91 -4.11
C SER A 44 7.42 -28.13 -3.34
N LEU A 45 8.35 -27.92 -2.39
CA LEU A 45 8.77 -28.99 -1.47
C LEU A 45 7.63 -29.40 -0.54
N PHE A 46 6.77 -28.46 -0.13
CA PHE A 46 5.67 -28.78 0.77
C PHE A 46 4.55 -29.56 0.09
N THR A 47 4.19 -29.21 -1.15
CA THR A 47 3.27 -30.06 -1.90
C THR A 47 3.93 -31.38 -2.33
N SER A 48 5.25 -31.41 -2.48
CA SER A 48 5.96 -32.65 -2.77
C SER A 48 5.88 -33.64 -1.60
N ASP A 49 6.23 -33.21 -0.39
CA ASP A 49 6.18 -34.15 0.73
C ASP A 49 4.76 -34.35 1.28
N LEU A 50 3.83 -33.42 1.00
CA LEU A 50 2.42 -33.70 1.23
C LEU A 50 1.90 -34.76 0.28
N MET A 51 2.36 -34.74 -0.98
CA MET A 51 2.03 -35.78 -1.95
C MET A 51 2.66 -37.12 -1.58
N VAL A 52 3.84 -37.09 -0.93
CA VAL A 52 4.46 -38.28 -0.34
C VAL A 52 3.55 -38.87 0.73
N GLY A 53 3.13 -38.02 1.67
CA GLY A 53 2.27 -38.44 2.78
C GLY A 53 0.86 -38.85 2.38
N LEU A 54 0.37 -38.39 1.23
CA LEU A 54 -0.87 -38.96 0.70
C LEU A 54 -0.63 -40.31 0.03
N VAL A 55 0.21 -40.34 -1.03
CA VAL A 55 0.11 -41.47 -1.96
C VAL A 55 1.22 -42.52 -1.85
N VAL A 56 2.30 -42.26 -1.14
CA VAL A 56 3.48 -43.14 -1.23
C VAL A 56 3.64 -44.01 0.01
N MET A 57 3.58 -43.41 1.21
CA MET A 57 3.64 -44.16 2.46
C MET A 57 2.49 -45.15 2.79
N PRO A 58 1.18 -44.86 2.60
CA PRO A 58 0.15 -45.89 3.00
C PRO A 58 0.13 -47.18 2.18
N PRO A 59 0.52 -47.24 0.88
CA PRO A 59 0.84 -48.57 0.32
C PRO A 59 2.07 -49.24 0.92
N ALA A 60 3.04 -48.50 1.47
CA ALA A 60 4.17 -49.15 2.14
C ALA A 60 3.76 -49.74 3.49
N MET A 61 2.88 -49.06 4.24
CA MET A 61 2.32 -49.73 5.41
C MET A 61 1.26 -50.78 5.07
N LEU A 62 0.64 -50.74 3.90
CA LEU A 62 -0.15 -51.89 3.45
C LEU A 62 0.73 -53.09 3.13
N ASN A 63 1.93 -52.85 2.61
CA ASN A 63 2.90 -53.93 2.44
C ASN A 63 3.49 -54.39 3.76
N ALA A 64 3.59 -53.49 4.73
CA ALA A 64 4.23 -53.79 6.02
C ALA A 64 3.31 -54.54 6.97
N LEU A 65 2.04 -54.14 7.07
CA LEU A 65 1.15 -54.73 8.07
C LEU A 65 0.68 -56.13 7.68
N TYR A 66 0.63 -56.43 6.38
CA TYR A 66 0.18 -57.73 5.92
C TYR A 66 1.32 -58.63 5.44
N GLY A 67 2.44 -58.06 5.03
CA GLY A 67 3.53 -58.83 4.46
C GLY A 67 3.45 -59.03 2.96
N ARG A 68 2.39 -58.56 2.31
CA ARG A 68 2.18 -58.77 0.89
C ARG A 68 1.25 -57.69 0.36
N TRP A 69 1.01 -57.75 -0.95
CA TRP A 69 0.06 -56.83 -1.58
C TRP A 69 -1.28 -57.56 -1.50
N VAL A 70 -2.25 -56.99 -0.79
CA VAL A 70 -3.54 -57.63 -0.58
C VAL A 70 -4.58 -57.08 -1.55
N LEU A 71 -4.38 -55.85 -2.03
CA LEU A 71 -5.30 -55.23 -2.97
C LEU A 71 -4.49 -54.44 -4.00
N ALA A 72 -5.04 -54.39 -5.23
CA ALA A 72 -4.57 -53.61 -6.39
C ALA A 72 -3.13 -53.96 -6.78
N ARG A 73 -2.97 -55.23 -7.21
CA ARG A 73 -1.66 -55.68 -7.65
C ARG A 73 -1.31 -55.17 -9.04
N GLY A 74 -2.31 -54.74 -9.82
CA GLY A 74 -2.04 -54.17 -11.14
C GLY A 74 -1.45 -52.77 -11.10
N LEU A 75 -1.63 -52.05 -9.98
CA LEU A 75 -1.14 -50.68 -9.84
C LEU A 75 0.22 -50.62 -9.14
N CYS A 76 0.96 -51.72 -9.15
CA CYS A 76 2.29 -51.76 -8.52
C CYS A 76 3.30 -50.94 -9.30
N LEU A 77 3.19 -50.92 -10.64
CA LEU A 77 4.05 -50.07 -11.46
C LEU A 77 3.73 -48.60 -11.27
N LEU A 78 2.44 -48.28 -11.04
CA LEU A 78 2.02 -46.91 -10.75
C LEU A 78 2.53 -46.46 -9.39
N TRP A 79 2.51 -47.35 -8.39
CA TRP A 79 3.03 -47.01 -7.06
C TRP A 79 4.56 -46.87 -7.08
N THR A 80 5.25 -47.72 -7.86
CA THR A 80 6.70 -47.63 -8.01
C THR A 80 7.11 -46.35 -8.74
N ALA A 81 6.35 -45.98 -9.79
CA ALA A 81 6.62 -44.74 -10.53
C ALA A 81 6.32 -43.50 -9.71
N PHE A 82 5.27 -43.54 -8.88
CA PHE A 82 4.99 -42.43 -7.98
C PHE A 82 6.01 -42.34 -6.84
N ASP A 83 6.59 -43.47 -6.42
CA ASP A 83 7.64 -43.45 -5.40
C ASP A 83 8.94 -42.86 -5.95
N VAL A 84 9.31 -43.22 -7.18
CA VAL A 84 10.50 -42.65 -7.82
C VAL A 84 10.29 -41.17 -8.13
N MET A 85 9.07 -40.80 -8.53
CA MET A 85 8.76 -39.39 -8.85
C MET A 85 8.69 -38.54 -7.59
N CYS A 86 8.31 -39.14 -6.47
CA CYS A 86 8.19 -38.37 -5.22
C CYS A 86 9.50 -38.18 -4.54
N CYS A 87 10.35 -39.17 -4.55
CA CYS A 87 11.69 -38.98 -3.98
C CYS A 87 12.57 -38.11 -4.88
N SER A 88 12.44 -38.23 -6.21
CA SER A 88 13.21 -37.38 -7.11
C SER A 88 12.73 -35.93 -7.07
N ALA A 89 11.41 -35.71 -6.91
CA ALA A 89 10.89 -34.37 -6.75
C ALA A 89 11.27 -33.75 -5.42
N SER A 90 11.38 -34.56 -4.36
CA SER A 90 11.81 -34.03 -3.05
C SER A 90 13.29 -33.63 -3.05
N ILE A 91 14.16 -34.45 -3.65
CA ILE A 91 15.59 -34.14 -3.70
C ILE A 91 15.87 -32.96 -4.64
N LEU A 92 15.15 -32.90 -5.77
CA LEU A 92 15.29 -31.76 -6.68
C LEU A 92 14.69 -30.48 -6.10
N ASN A 93 13.62 -30.57 -5.30
CA ASN A 93 13.07 -29.39 -4.65
C ASN A 93 14.01 -28.86 -3.57
N LEU A 94 14.71 -29.76 -2.85
CA LEU A 94 15.77 -29.36 -1.93
C LEU A 94 16.94 -28.69 -2.66
N CYS A 95 17.26 -29.16 -3.86
CA CYS A 95 18.32 -28.55 -4.67
C CYS A 95 17.96 -27.12 -5.13
N LEU A 96 16.67 -26.90 -5.35
CA LEU A 96 16.19 -25.60 -5.76
C LEU A 96 16.15 -24.63 -4.60
N ILE A 97 15.76 -25.09 -3.42
CA ILE A 97 15.86 -24.21 -2.23
C ILE A 97 17.32 -23.85 -1.93
N SER A 98 18.25 -24.80 -2.15
CA SER A 98 19.68 -24.52 -2.02
C SER A 98 20.16 -23.50 -3.07
N LEU A 99 19.69 -23.62 -4.30
CA LEU A 99 20.06 -22.67 -5.36
C LEU A 99 19.42 -21.30 -5.15
N ASP A 100 18.22 -21.24 -4.54
CA ASP A 100 17.60 -19.97 -4.21
C ASP A 100 18.35 -19.26 -3.09
N ARG A 101 18.82 -20.03 -2.09
CA ARG A 101 19.67 -19.47 -1.04
C ARG A 101 21.03 -19.00 -1.58
N TYR A 102 21.56 -19.71 -2.59
CA TYR A 102 22.76 -19.26 -3.30
C TYR A 102 22.53 -17.96 -4.06
N LEU A 103 21.40 -17.82 -4.74
CA LEU A 103 21.16 -16.63 -5.53
C LEU A 103 20.77 -15.43 -4.68
N LEU A 104 20.27 -15.68 -3.46
CA LEU A 104 19.86 -14.56 -2.61
C LEU A 104 20.99 -14.12 -1.68
N ILE A 105 21.73 -15.07 -1.10
CA ILE A 105 22.65 -14.75 -0.01
C ILE A 105 23.93 -14.10 -0.54
N LEU A 106 24.52 -14.68 -1.59
CA LEU A 106 25.83 -14.22 -2.06
C LEU A 106 25.75 -12.91 -2.84
N SER A 107 24.71 -12.73 -3.66
CA SER A 107 24.51 -11.51 -4.43
C SER A 107 23.12 -10.96 -4.16
N PRO A 108 22.95 -10.21 -3.07
CA PRO A 108 21.59 -9.77 -2.71
C PRO A 108 21.13 -8.52 -3.44
N LEU A 109 22.06 -7.75 -4.02
CA LEU A 109 21.67 -6.60 -4.84
C LEU A 109 21.08 -7.05 -6.17
N ARG A 110 21.58 -8.15 -6.72
CA ARG A 110 21.23 -8.62 -8.05
C ARG A 110 20.11 -9.66 -8.02
N TYR A 111 19.46 -9.86 -6.86
CA TYR A 111 18.47 -10.92 -6.73
C TYR A 111 17.18 -10.62 -7.47
N LYS A 112 16.71 -9.36 -7.45
CA LYS A 112 15.50 -9.02 -8.18
C LYS A 112 15.74 -8.94 -9.68
N LEU A 113 16.95 -8.69 -10.11
CA LEU A 113 17.27 -8.64 -11.52
C LEU A 113 17.32 -10.01 -12.10
N ARG A 114 17.95 -10.94 -11.42
CA ARG A 114 18.14 -12.28 -11.98
C ARG A 114 17.01 -13.24 -11.66
N MET A 115 16.41 -13.17 -10.48
CA MET A 115 15.33 -14.08 -10.10
C MET A 115 14.00 -13.35 -10.25
N THR A 116 13.22 -13.78 -11.22
CA THR A 116 11.84 -13.39 -11.45
C THR A 116 10.94 -14.54 -10.99
N PRO A 117 9.66 -14.28 -10.63
CA PRO A 117 8.74 -15.41 -10.40
C PRO A 117 8.39 -16.21 -11.66
N LEU A 118 8.55 -15.63 -12.86
CA LEU A 118 8.44 -16.41 -14.09
C LEU A 118 9.59 -17.40 -14.23
N ARG A 119 10.82 -16.96 -13.90
CA ARG A 119 11.97 -17.87 -13.92
C ARG A 119 11.93 -18.88 -12.78
N ALA A 120 11.37 -18.49 -11.63
CA ALA A 120 11.20 -19.43 -10.52
C ALA A 120 10.14 -20.48 -10.83
N LEU A 121 9.05 -20.08 -11.50
CA LEU A 121 8.04 -21.03 -11.96
C LEU A 121 8.57 -21.92 -13.06
N ALA A 122 9.44 -21.38 -13.94
CA ALA A 122 10.09 -22.19 -14.97
C ALA A 122 11.06 -23.20 -14.37
N LEU A 123 11.78 -22.83 -13.31
CA LEU A 123 12.70 -23.75 -12.65
C LEU A 123 11.95 -24.84 -11.87
N VAL A 124 10.83 -24.47 -11.23
CA VAL A 124 10.00 -25.42 -10.51
C VAL A 124 9.34 -26.42 -11.47
N LEU A 125 8.81 -25.92 -12.59
CA LEU A 125 8.21 -26.79 -13.61
C LEU A 125 9.26 -27.63 -14.34
N GLY A 126 10.47 -27.10 -14.51
CA GLY A 126 11.54 -27.89 -15.09
C GLY A 126 12.03 -29.02 -14.20
N ALA A 127 12.12 -28.76 -12.89
CA ALA A 127 12.54 -29.80 -11.95
C ALA A 127 11.45 -30.87 -11.77
N TRP A 128 10.18 -30.44 -11.69
CA TRP A 128 9.05 -31.37 -11.59
C TRP A 128 8.88 -32.17 -12.87
N SER A 129 9.11 -31.55 -14.04
CA SER A 129 9.02 -32.26 -15.30
C SER A 129 10.20 -33.20 -15.52
N LEU A 130 11.37 -32.89 -14.89
CA LEU A 130 12.60 -33.72 -15.01
C LEU A 130 12.53 -34.92 -14.11
N ALA A 131 11.88 -34.78 -13.01
CA ALA A 131 11.58 -35.92 -12.14
C ALA A 131 10.43 -36.76 -12.68
N ALA A 132 9.43 -36.12 -13.29
CA ALA A 132 8.29 -36.82 -13.87
C ALA A 132 8.69 -37.61 -15.12
N LEU A 133 9.68 -37.08 -15.84
CA LEU A 133 10.15 -37.71 -17.05
C LEU A 133 10.98 -38.88 -16.71
N ALA A 134 11.87 -38.72 -15.80
CA ALA A 134 12.84 -39.74 -15.42
C ALA A 134 12.21 -40.84 -14.56
N SER A 135 11.02 -40.59 -14.01
CA SER A 135 10.27 -41.65 -13.35
C SER A 135 9.30 -42.34 -14.30
N PHE A 136 8.54 -41.55 -15.08
CA PHE A 136 7.40 -42.11 -15.80
C PHE A 136 7.82 -42.73 -17.14
N LEU A 137 9.04 -42.45 -17.61
CA LEU A 137 9.51 -43.16 -18.80
C LEU A 137 9.91 -44.61 -18.52
N PRO A 138 10.87 -44.97 -17.64
CA PRO A 138 11.35 -46.36 -17.69
C PRO A 138 10.48 -47.36 -16.95
N LEU A 139 9.49 -46.90 -16.18
CA LEU A 139 8.67 -47.83 -15.42
C LEU A 139 7.33 -48.08 -16.11
N LEU A 140 6.95 -47.20 -17.04
CA LEU A 140 5.76 -47.45 -17.85
C LEU A 140 6.12 -47.97 -19.23
N LEU A 141 7.25 -47.53 -19.79
CA LEU A 141 7.67 -48.08 -21.09
C LEU A 141 8.61 -49.26 -20.92
N GLY A 142 8.88 -49.65 -19.68
CA GLY A 142 9.64 -50.86 -19.41
C GLY A 142 11.14 -50.78 -19.66
N TRP A 143 11.74 -49.61 -19.51
CA TRP A 143 13.17 -49.46 -19.79
C TRP A 143 14.02 -49.75 -18.56
N HIS A 144 13.38 -50.08 -17.43
CA HIS A 144 14.12 -50.14 -16.16
C HIS A 144 14.90 -51.45 -16.02
N GLU A 145 14.52 -52.44 -16.84
CA GLU A 145 15.15 -53.75 -16.79
C GLU A 145 15.82 -54.19 -18.10
N LEU A 146 17.12 -54.42 -18.07
CA LEU A 146 17.87 -54.87 -19.24
C LEU A 146 19.01 -55.77 -18.75
N GLY A 147 18.89 -57.07 -19.02
CA GLY A 147 19.90 -58.01 -18.53
C GLY A 147 19.86 -58.21 -17.03
N HIS A 148 18.69 -58.46 -16.48
CA HIS A 148 18.48 -58.49 -15.04
C HIS A 148 18.72 -59.91 -14.51
N ALA A 149 19.54 -60.02 -13.47
CA ALA A 149 19.78 -61.32 -12.85
C ALA A 149 18.88 -61.52 -11.64
N ARG A 150 18.27 -60.45 -11.15
CA ARG A 150 17.36 -60.55 -10.01
C ARG A 150 16.02 -61.12 -10.48
N PRO A 151 15.52 -62.19 -9.86
CA PRO A 151 14.23 -62.75 -10.26
C PRO A 151 13.08 -62.02 -9.58
N PRO A 152 11.93 -61.92 -10.27
CA PRO A 152 10.86 -61.32 -9.53
C PRO A 152 10.27 -62.28 -8.59
N VAL A 153 9.70 -61.76 -7.51
CA VAL A 153 9.03 -62.53 -6.46
C VAL A 153 7.53 -62.59 -6.78
N PRO A 154 6.85 -63.70 -6.50
CA PRO A 154 5.39 -63.75 -6.79
C PRO A 154 4.56 -63.06 -5.72
N GLY A 155 3.72 -62.12 -6.14
CA GLY A 155 2.69 -61.54 -5.31
C GLY A 155 3.12 -60.41 -4.40
N GLN A 156 4.40 -60.06 -4.40
CA GLN A 156 4.93 -58.98 -3.56
C GLN A 156 5.63 -57.95 -4.40
N CYS A 157 5.62 -56.70 -3.96
CA CYS A 157 6.13 -55.59 -4.75
C CYS A 157 7.63 -55.42 -4.55
N ARG A 158 8.38 -55.67 -5.61
CA ARG A 158 9.80 -55.31 -5.68
C ARG A 158 9.99 -54.44 -6.93
N LEU A 159 10.63 -53.29 -6.73
CA LEU A 159 10.97 -52.42 -7.84
C LEU A 159 12.24 -53.04 -8.40
N LEU A 160 12.11 -53.76 -9.51
CA LEU A 160 13.28 -54.37 -10.13
C LEU A 160 14.02 -53.33 -10.96
N ALA A 161 15.34 -53.29 -10.81
CA ALA A 161 16.15 -52.22 -11.36
C ALA A 161 17.49 -52.76 -11.84
N SER A 162 17.78 -52.56 -13.13
CA SER A 162 19.06 -52.95 -13.69
C SER A 162 20.14 -51.97 -13.28
N LEU A 163 21.40 -52.45 -13.35
CA LEU A 163 22.55 -51.67 -12.90
C LEU A 163 22.86 -50.38 -13.68
N PRO A 164 22.78 -50.30 -15.04
CA PRO A 164 22.88 -48.96 -15.66
C PRO A 164 21.70 -48.04 -15.34
N PHE A 165 20.51 -48.60 -15.11
CA PHE A 165 19.37 -47.80 -14.68
C PHE A 165 19.56 -47.25 -13.27
N VAL A 166 20.14 -48.06 -12.37
CA VAL A 166 20.50 -47.62 -11.02
C VAL A 166 21.57 -46.52 -11.08
N LEU A 167 22.55 -46.68 -11.98
CA LEU A 167 23.62 -45.69 -12.17
C LEU A 167 23.11 -44.35 -12.67
N VAL A 168 22.36 -44.32 -13.77
CA VAL A 168 21.94 -43.03 -14.34
C VAL A 168 20.77 -42.42 -13.56
N ALA A 169 19.89 -43.25 -12.96
CA ALA A 169 18.77 -42.70 -12.23
C ALA A 169 19.19 -42.20 -10.86
N SER A 170 20.09 -42.94 -10.18
CA SER A 170 20.63 -42.50 -8.91
C SER A 170 21.55 -41.30 -9.07
N GLY A 171 22.29 -41.24 -10.19
CA GLY A 171 23.08 -40.07 -10.55
C GLY A 171 22.26 -38.81 -10.75
N LEU A 172 21.33 -38.83 -11.71
CA LEU A 172 20.49 -37.67 -12.00
C LEU A 172 19.47 -37.35 -10.91
N THR A 173 19.17 -38.30 -10.02
CA THR A 173 18.26 -37.98 -8.92
C THR A 173 19.02 -37.40 -7.74
N PHE A 174 20.12 -38.04 -7.31
CA PHE A 174 20.75 -37.74 -6.04
C PHE A 174 22.13 -37.10 -6.17
N PHE A 175 22.99 -37.61 -7.05
CA PHE A 175 24.42 -37.36 -6.90
C PHE A 175 24.87 -36.01 -7.44
N LEU A 176 24.18 -35.49 -8.44
CA LEU A 176 24.37 -34.11 -8.89
C LEU A 176 23.67 -33.06 -7.99
N PRO A 177 22.43 -33.27 -7.46
CA PRO A 177 21.99 -32.37 -6.38
C PRO A 177 22.81 -32.42 -5.09
N SER A 178 23.42 -33.57 -4.77
CA SER A 178 24.33 -33.64 -3.61
C SER A 178 25.58 -32.80 -3.81
N GLY A 179 26.15 -32.84 -5.02
CA GLY A 179 27.29 -31.99 -5.33
C GLY A 179 26.94 -30.52 -5.40
N ALA A 180 25.74 -30.19 -5.91
CA ALA A 180 25.28 -28.81 -5.95
C ALA A 180 25.01 -28.25 -4.56
N ILE A 181 24.40 -29.07 -3.69
CA ILE A 181 24.11 -28.68 -2.30
C ILE A 181 25.41 -28.53 -1.51
N CYS A 182 26.39 -29.42 -1.73
CA CYS A 182 27.69 -29.35 -1.07
C CYS A 182 28.50 -28.14 -1.49
N PHE A 183 28.53 -27.83 -2.80
CA PHE A 183 29.26 -26.67 -3.31
C PHE A 183 28.64 -25.35 -2.86
N THR A 184 27.29 -25.28 -2.92
CA THR A 184 26.54 -24.09 -2.52
C THR A 184 26.67 -23.82 -1.03
N TYR A 185 26.48 -24.86 -0.19
CA TYR A 185 26.55 -24.66 1.25
C TYR A 185 27.99 -24.54 1.74
N CYS A 186 28.94 -24.96 0.97
CA CYS A 186 30.30 -24.74 1.36
C CYS A 186 30.53 -23.30 1.19
N ARG A 187 30.44 -22.78 -0.02
CA ARG A 187 30.78 -21.37 -0.12
C ARG A 187 29.80 -20.45 0.59
N ILE A 188 28.61 -20.93 0.98
CA ILE A 188 27.76 -20.21 1.92
C ILE A 188 28.41 -20.18 3.31
N LEU A 189 29.05 -21.30 3.71
CA LEU A 189 29.83 -21.35 4.94
C LEU A 189 31.07 -20.44 4.88
N LEU A 190 31.72 -20.39 3.71
CA LEU A 190 32.88 -19.50 3.52
C LEU A 190 32.48 -18.03 3.59
N ALA A 191 31.32 -17.69 3.00
CA ALA A 191 30.78 -16.33 3.08
C ALA A 191 30.34 -16.00 4.50
N ALA A 192 29.86 -17.00 5.26
CA ALA A 192 29.47 -16.78 6.65
C ALA A 192 30.69 -16.56 7.57
N ARG A 193 31.78 -17.31 7.36
CA ARG A 193 32.99 -17.08 8.17
C ARG A 193 33.67 -15.76 7.82
N LYS A 194 33.73 -15.38 6.53
CA LYS A 194 34.28 -14.07 6.19
C LYS A 194 33.33 -12.93 6.56
N GLN A 195 32.03 -13.23 6.68
CA GLN A 195 31.02 -12.28 7.11
C GLN A 195 31.16 -11.99 8.60
N ALA A 196 31.36 -13.04 9.41
CA ALA A 196 31.62 -12.88 10.84
C ALA A 196 33.01 -12.29 11.12
N VAL A 197 33.97 -12.51 10.22
CA VAL A 197 35.27 -11.85 10.32
C VAL A 197 35.13 -10.35 10.08
N GLN A 198 34.33 -9.95 9.08
CA GLN A 198 34.09 -8.52 8.84
C GLN A 198 33.21 -7.89 9.91
N VAL A 199 32.34 -8.67 10.56
CA VAL A 199 31.57 -8.15 11.68
C VAL A 199 32.45 -7.94 12.91
N ALA A 200 33.24 -8.96 13.26
CA ALA A 200 33.95 -8.97 14.54
C ALA A 200 35.18 -8.07 14.57
N SER A 201 35.89 -7.93 13.45
CA SER A 201 37.13 -7.16 13.43
C SER A 201 36.89 -5.65 13.34
N LEU A 202 35.67 -5.22 13.03
CA LEU A 202 35.36 -3.80 12.91
C LEU A 202 34.41 -3.32 13.99
N THR A 203 33.36 -4.08 14.28
CA THR A 203 32.39 -3.68 15.31
C THR A 203 32.49 -4.60 16.53
N LEU A 223 29.62 -19.35 12.90
CA LEU A 223 29.57 -20.22 14.07
C LEU A 223 28.18 -20.86 14.20
N LYS A 224 27.14 -20.02 14.15
CA LYS A 224 25.78 -20.54 14.18
C LYS A 224 25.39 -21.17 12.85
N ALA A 225 25.98 -20.67 11.75
CA ALA A 225 25.72 -21.22 10.43
C ALA A 225 26.34 -22.61 10.27
N SER A 226 27.37 -22.89 11.03
CA SER A 226 27.97 -24.21 10.96
C SER A 226 27.08 -25.22 11.63
N LEU A 227 26.49 -24.88 12.73
CA LEU A 227 25.52 -25.75 13.37
C LEU A 227 24.25 -25.92 12.53
N THR A 228 23.77 -24.83 11.93
CA THR A 228 22.51 -24.84 11.18
C THR A 228 22.61 -25.66 9.90
N LEU A 229 23.59 -25.36 9.04
CA LEU A 229 23.72 -26.19 7.86
C LEU A 229 24.52 -27.47 8.10
N GLY A 230 25.12 -27.65 9.28
CA GLY A 230 25.56 -28.98 9.67
C GLY A 230 24.40 -29.92 9.94
N ILE A 231 23.34 -29.40 10.58
CA ILE A 231 22.10 -30.17 10.76
C ILE A 231 21.42 -30.40 9.41
N LEU A 232 21.31 -29.33 8.60
CA LEU A 232 20.58 -29.40 7.33
C LEU A 232 21.33 -30.19 6.26
N LEU A 233 22.64 -30.37 6.39
CA LEU A 233 23.38 -31.23 5.49
C LEU A 233 23.47 -32.66 6.03
N GLY A 234 23.65 -32.82 7.35
CA GLY A 234 23.88 -34.12 7.92
C GLY A 234 22.65 -34.99 7.99
N MET A 235 21.47 -34.39 8.20
CA MET A 235 20.23 -35.17 8.24
C MET A 235 19.87 -35.69 6.85
N PHE A 236 19.89 -34.83 5.85
CA PHE A 236 19.57 -35.25 4.47
C PHE A 236 20.42 -36.45 4.07
N PHE A 237 21.75 -36.32 4.15
CA PHE A 237 22.68 -37.41 3.75
C PHE A 237 22.47 -38.63 4.65
N VAL A 238 22.23 -38.46 5.96
CA VAL A 238 21.92 -39.66 6.81
C VAL A 238 20.63 -40.33 6.37
N THR A 239 19.59 -39.57 6.09
CA THR A 239 18.33 -40.16 5.56
C THR A 239 18.57 -40.82 4.18
N TRP A 240 19.39 -40.26 3.28
CA TRP A 240 19.53 -40.80 1.91
C TRP A 240 20.83 -41.60 1.64
N LEU A 241 22.04 -41.06 1.80
CA LEU A 241 23.27 -41.74 1.39
C LEU A 241 23.29 -43.27 1.53
N PRO A 242 22.86 -43.79 2.70
CA PRO A 242 22.83 -45.21 2.77
C PRO A 242 21.94 -45.84 1.77
N PHE A 243 20.74 -45.40 1.70
CA PHE A 243 19.70 -46.02 0.88
C PHE A 243 20.15 -46.15 -0.57
N PHE A 244 20.81 -45.13 -1.10
CA PHE A 244 21.36 -45.25 -2.45
C PHE A 244 22.62 -46.12 -2.48
N VAL A 245 23.34 -46.20 -1.36
CA VAL A 245 24.44 -47.16 -1.23
C VAL A 245 23.91 -48.60 -1.25
N ALA A 246 22.80 -48.85 -0.55
CA ALA A 246 22.16 -50.17 -0.60
C ALA A 246 21.49 -50.44 -1.93
N ASN A 247 21.07 -49.38 -2.65
CA ASN A 247 20.60 -49.52 -4.03
C ASN A 247 21.72 -49.97 -4.97
N ILE A 248 22.92 -49.40 -4.79
CA ILE A 248 24.09 -49.80 -5.56
C ILE A 248 24.51 -51.23 -5.22
N VAL A 249 24.46 -51.59 -3.93
CA VAL A 249 24.82 -52.93 -3.46
C VAL A 249 23.82 -53.98 -3.94
N GLN A 250 22.51 -53.64 -3.95
CA GLN A 250 21.53 -54.53 -4.54
C GLN A 250 21.58 -54.54 -6.07
N ALA A 251 22.16 -53.52 -6.69
CA ALA A 251 22.31 -53.51 -8.14
C ALA A 251 23.44 -54.43 -8.60
N VAL A 252 24.68 -54.16 -8.20
CA VAL A 252 25.79 -54.93 -8.77
C VAL A 252 26.03 -56.22 -7.96
N CYS A 253 26.02 -56.13 -6.64
CA CYS A 253 26.27 -57.29 -5.79
C CYS A 253 24.95 -57.96 -5.44
N ASP A 254 24.99 -58.88 -4.49
CA ASP A 254 23.80 -59.63 -4.08
C ASP A 254 23.96 -60.00 -2.61
N CYS A 255 23.14 -60.98 -2.18
CA CYS A 255 23.21 -61.68 -0.89
C CYS A 255 22.97 -60.78 0.32
N ILE A 256 22.18 -59.72 0.18
CA ILE A 256 21.72 -58.94 1.33
C ILE A 256 20.22 -59.14 1.46
N SER A 257 19.72 -58.88 2.67
CA SER A 257 18.31 -59.09 2.98
C SER A 257 17.46 -57.95 2.42
N PRO A 258 16.27 -58.24 1.89
CA PRO A 258 15.37 -57.15 1.47
C PRO A 258 14.69 -56.42 2.62
N GLY A 259 14.71 -56.99 3.84
CA GLY A 259 14.13 -56.31 4.98
C GLY A 259 14.91 -55.08 5.42
N LEU A 260 16.25 -55.16 5.37
CA LEU A 260 17.11 -54.01 5.65
C LEU A 260 16.96 -52.93 4.58
N PHE A 261 16.73 -53.35 3.33
CA PHE A 261 16.35 -52.45 2.25
C PHE A 261 15.00 -51.78 2.51
N ASP A 262 14.06 -52.49 3.14
CA ASP A 262 12.78 -51.88 3.51
C ASP A 262 12.93 -50.88 4.66
N VAL A 263 13.83 -51.12 5.62
CA VAL A 263 14.09 -50.13 6.67
C VAL A 263 14.79 -48.88 6.11
N LEU A 264 15.69 -49.05 5.15
CA LEU A 264 16.31 -47.88 4.53
C LEU A 264 15.37 -47.14 3.59
N THR A 265 14.41 -47.86 2.98
CA THR A 265 13.33 -47.21 2.24
C THR A 265 12.39 -46.45 3.18
N TRP A 266 12.17 -46.98 4.39
CA TRP A 266 11.41 -46.26 5.41
C TRP A 266 12.13 -45.02 5.91
N LEU A 267 13.47 -45.04 5.97
CA LEU A 267 14.25 -43.84 6.30
C LEU A 267 14.15 -42.79 5.20
N GLY A 268 14.21 -43.22 3.94
CA GLY A 268 13.99 -42.32 2.82
C GLY A 268 12.57 -41.77 2.75
N TYR A 269 11.59 -42.53 3.25
CA TYR A 269 10.25 -41.96 3.48
C TYR A 269 10.28 -40.98 4.64
N CYS A 270 11.04 -41.28 5.69
CA CYS A 270 11.03 -40.51 6.94
C CYS A 270 11.75 -39.18 6.85
N ASN A 271 12.27 -38.85 5.65
CA ASN A 271 12.87 -37.52 5.42
C ASN A 271 11.71 -36.59 5.27
N SER A 272 10.66 -37.09 4.67
CA SER A 272 9.43 -36.30 4.54
C SER A 272 8.72 -36.06 5.87
N THR A 273 9.05 -36.84 6.91
CA THR A 273 8.64 -36.53 8.27
C THR A 273 9.53 -35.49 8.93
N MET A 274 10.85 -35.73 9.00
CA MET A 274 11.71 -34.82 9.76
C MET A 274 12.08 -33.54 9.00
N ASN A 275 11.67 -33.32 7.75
CA ASN A 275 11.97 -32.02 7.10
C ASN A 275 11.00 -30.91 7.51
N PRO A 276 9.68 -31.13 7.45
CA PRO A 276 8.84 -30.01 7.92
C PRO A 276 9.01 -29.59 9.37
N ILE A 277 9.65 -30.38 10.24
CA ILE A 277 9.85 -29.93 11.61
C ILE A 277 11.19 -29.23 11.80
N ILE A 278 12.04 -29.20 10.77
CA ILE A 278 13.40 -28.72 10.92
C ILE A 278 13.68 -27.56 9.96
N TYR A 279 13.53 -27.64 8.64
CA TYR A 279 13.80 -26.45 7.74
C TYR A 279 13.09 -25.13 8.20
N PRO A 280 11.75 -25.11 8.42
CA PRO A 280 11.12 -23.89 8.89
C PRO A 280 11.65 -23.46 10.27
N LEU A 281 11.88 -24.43 11.15
CA LEU A 281 12.42 -24.12 12.50
C LEU A 281 13.66 -23.23 12.41
N PHE A 282 14.32 -23.18 11.25
CA PHE A 282 15.58 -22.39 11.11
C PHE A 282 15.43 -21.09 10.30
N MET A 283 14.26 -20.74 9.76
CA MET A 283 14.03 -19.44 9.06
C MET A 283 13.15 -18.56 9.96
N ARG A 284 13.52 -17.30 10.19
CA ARG A 284 12.81 -16.45 11.17
C ARG A 284 11.35 -16.18 10.80
N ASP A 285 11.06 -15.91 9.54
CA ASP A 285 9.68 -15.54 9.16
C ASP A 285 8.74 -16.64 9.61
N PHE A 286 8.99 -17.85 9.16
CA PHE A 286 8.14 -19.00 9.51
C PHE A 286 8.03 -19.10 11.03
N LYS A 287 9.13 -18.91 11.75
CA LYS A 287 9.10 -19.02 13.24
C LYS A 287 8.06 -18.02 13.77
N ARG A 288 8.09 -16.78 13.31
CA ARG A 288 7.08 -15.77 13.72
C ARG A 288 5.69 -16.28 13.36
N ALA A 289 5.40 -16.37 12.07
CA ALA A 289 4.09 -16.84 11.61
C ALA A 289 3.56 -17.96 12.49
N LEU A 290 4.44 -18.83 12.99
CA LEU A 290 4.02 -19.90 13.89
C LEU A 290 3.68 -19.36 15.28
N GLY A 291 4.35 -18.28 15.72
CA GLY A 291 3.98 -17.66 16.98
C GLY A 291 2.68 -16.89 16.90
N ARG A 292 2.42 -16.24 15.77
CA ARG A 292 1.17 -15.50 15.63
C ARG A 292 -0.01 -16.41 15.36
N PHE A 293 0.15 -17.46 14.59
CA PHE A 293 -0.97 -18.34 14.33
C PHE A 293 -1.19 -19.32 15.47
N LEU A 294 -0.12 -19.81 16.10
CA LEU A 294 -0.23 -20.81 17.16
C LEU A 294 0.49 -20.29 18.41
N PRO A 295 -0.20 -19.50 19.26
CA PRO A 295 0.46 -18.99 20.47
C PRO A 295 0.56 -20.04 21.57
N GLU B 20 12.40 43.65 31.09
CA GLU B 20 11.18 43.53 31.87
C GLU B 20 10.64 42.10 31.81
N LEU B 21 11.56 41.14 31.66
CA LEU B 21 11.17 39.73 31.56
C LEU B 21 10.75 39.18 32.92
N ASP B 22 11.31 39.72 34.01
CA ASP B 22 11.07 39.20 35.35
C ASP B 22 9.67 39.52 35.86
N GLN B 23 9.15 40.70 35.52
CA GLN B 23 7.77 41.01 35.86
C GLN B 23 6.78 40.31 34.93
N LEU B 24 7.16 40.13 33.66
CA LEU B 24 6.25 39.54 32.67
C LEU B 24 6.08 38.05 32.89
N ARG B 25 7.14 37.35 33.30
CA ARG B 25 7.03 35.93 33.60
C ARG B 25 6.25 35.68 34.89
N GLN B 26 6.36 36.59 35.87
CA GLN B 26 5.56 36.49 37.08
C GLN B 26 4.08 36.77 36.82
N GLU B 27 3.80 37.75 35.94
CA GLU B 27 2.43 38.03 35.50
C GLU B 27 1.84 36.88 34.70
N ALA B 28 2.65 36.23 33.86
CA ALA B 28 2.20 35.07 33.10
C ALA B 28 1.94 33.87 34.00
N GLU B 29 2.80 33.63 35.00
CA GLU B 29 2.60 32.53 35.94
C GLU B 29 1.40 32.77 36.85
N GLN B 30 1.15 34.02 37.23
CA GLN B 30 -0.09 34.36 37.94
C GLN B 30 -1.32 34.22 37.06
N LEU B 31 -1.16 34.42 35.74
CA LEU B 31 -2.28 34.24 34.82
C LEU B 31 -2.64 32.77 34.63
N LYS B 32 -1.64 31.87 34.52
CA LYS B 32 -1.99 30.44 34.51
C LYS B 32 -2.43 29.93 35.87
N ASN B 33 -2.01 30.59 36.97
CA ASN B 33 -2.58 30.26 38.28
C ASN B 33 -4.05 30.67 38.38
N GLN B 34 -4.41 31.81 37.79
CA GLN B 34 -5.81 32.26 37.72
C GLN B 34 -6.65 31.34 36.84
N ILE B 35 -6.08 30.90 35.70
CA ILE B 35 -6.75 29.96 34.79
C ILE B 35 -6.94 28.59 35.45
N ARG B 36 -5.93 28.12 36.20
CA ARG B 36 -6.00 26.85 36.91
C ARG B 36 -7.00 26.90 38.07
N ASP B 37 -7.07 28.04 38.78
CA ASP B 37 -8.05 28.20 39.85
C ASP B 37 -9.48 28.33 39.31
N ALA B 38 -9.66 28.97 38.14
CA ALA B 38 -10.98 29.05 37.53
C ALA B 38 -11.40 27.71 36.93
N ARG B 39 -10.43 26.89 36.50
CA ARG B 39 -10.76 25.55 36.03
C ARG B 39 -11.10 24.62 37.20
N LYS B 40 -10.40 24.77 38.32
CA LYS B 40 -10.66 23.96 39.50
C LYS B 40 -11.92 24.37 40.22
N ALA B 41 -12.37 25.62 40.06
CA ALA B 41 -13.60 26.06 40.71
C ALA B 41 -14.85 25.55 39.99
N CYS B 42 -14.74 25.14 38.72
CA CYS B 42 -15.89 24.78 37.92
C CYS B 42 -16.00 23.29 37.66
N ALA B 43 -15.50 22.45 38.56
CA ALA B 43 -15.59 21.00 38.43
C ALA B 43 -16.40 20.47 39.61
N ASP B 44 -17.72 20.45 39.45
CA ASP B 44 -18.61 20.00 40.52
C ASP B 44 -18.72 18.48 40.60
N ALA B 45 -18.65 17.77 39.49
CA ALA B 45 -18.82 16.33 39.49
C ALA B 45 -17.89 15.72 38.46
N THR B 46 -17.95 14.40 38.35
CA THR B 46 -17.14 13.63 37.42
C THR B 46 -18.06 13.00 36.36
N LEU B 47 -17.55 12.88 35.13
CA LEU B 47 -18.30 12.22 34.06
C LEU B 47 -18.46 10.73 34.31
N SER B 48 -17.50 10.10 35.00
CA SER B 48 -17.66 8.71 35.40
C SER B 48 -18.69 8.54 36.52
N GLN B 49 -18.90 9.57 37.34
CA GLN B 49 -19.93 9.50 38.38
C GLN B 49 -21.33 9.69 37.80
N ILE B 50 -21.47 10.56 36.79
CA ILE B 50 -22.79 10.89 36.25
C ILE B 50 -23.28 9.86 35.25
N THR B 51 -22.43 8.94 34.79
CA THR B 51 -22.80 7.92 33.82
C THR B 51 -22.99 6.55 34.46
N ASN B 52 -23.48 6.51 35.70
CA ASN B 52 -23.74 5.25 36.38
C ASN B 52 -25.16 4.74 36.15
N ASN B 53 -26.01 5.50 35.48
CA ASN B 53 -27.35 5.07 35.11
C ASN B 53 -27.43 4.53 33.69
N ILE B 54 -26.30 4.45 32.99
CA ILE B 54 -26.26 3.99 31.61
C ILE B 54 -25.96 2.51 31.60
N ASP B 55 -26.81 1.73 30.95
CA ASP B 55 -26.51 0.33 30.68
C ASP B 55 -25.39 0.26 29.64
N PRO B 56 -24.30 -0.45 29.90
CA PRO B 56 -23.18 -0.48 28.96
C PRO B 56 -23.49 -1.39 27.76
N VAL B 57 -22.68 -1.23 26.71
CA VAL B 57 -22.91 -1.95 25.47
C VAL B 57 -22.34 -3.36 25.50
N GLY B 58 -21.57 -3.72 26.51
CA GLY B 58 -21.04 -5.07 26.60
C GLY B 58 -19.84 -5.24 25.69
N ARG B 59 -19.94 -6.19 24.77
CA ARG B 59 -18.87 -6.50 23.82
C ARG B 59 -19.34 -6.16 22.42
N ILE B 60 -18.51 -5.40 21.69
CA ILE B 60 -18.80 -5.00 20.32
C ILE B 60 -18.04 -5.94 19.39
N GLN B 61 -18.78 -6.69 18.57
CA GLN B 61 -18.19 -7.64 17.64
C GLN B 61 -18.22 -7.05 16.24
N MET B 62 -17.04 -6.81 15.67
CA MET B 62 -16.91 -6.30 14.32
C MET B 62 -16.10 -7.28 13.49
N ARG B 63 -16.57 -7.55 12.29
CA ARG B 63 -15.88 -8.43 11.35
C ARG B 63 -15.43 -7.63 10.13
N THR B 64 -14.35 -8.08 9.50
CA THR B 64 -13.81 -7.40 8.33
C THR B 64 -14.67 -7.74 7.12
N ARG B 65 -15.39 -6.74 6.60
CA ARG B 65 -16.25 -6.93 5.45
C ARG B 65 -15.48 -6.86 4.14
N ARG B 66 -14.75 -5.76 3.93
CA ARG B 66 -13.95 -5.55 2.73
C ARG B 66 -12.50 -5.36 3.11
N THR B 67 -11.61 -6.00 2.36
CA THR B 67 -10.16 -5.84 2.53
C THR B 67 -9.61 -5.25 1.25
N LEU B 68 -9.28 -3.96 1.28
CA LEU B 68 -8.81 -3.24 0.10
C LEU B 68 -7.31 -3.43 -0.04
N ARG B 69 -6.90 -4.22 -1.03
CA ARG B 69 -5.50 -4.46 -1.33
C ARG B 69 -5.13 -3.74 -2.63
N GLY B 70 -3.85 -3.42 -2.76
CA GLY B 70 -3.38 -2.76 -3.97
C GLY B 70 -2.30 -1.73 -3.73
N HIS B 71 -2.15 -1.27 -2.49
CA HIS B 71 -1.10 -0.33 -2.15
C HIS B 71 0.26 -1.02 -2.09
N LEU B 72 1.30 -0.30 -2.49
CA LEU B 72 2.63 -0.88 -2.59
C LEU B 72 3.43 -0.75 -1.30
N ALA B 73 3.06 0.15 -0.40
CA ALA B 73 3.88 0.45 0.76
C ALA B 73 2.97 0.87 1.91
N LYS B 74 3.56 1.52 2.92
CA LYS B 74 2.90 1.78 4.19
C LYS B 74 1.86 2.90 4.05
N ILE B 75 0.61 2.59 4.39
CA ILE B 75 -0.49 3.56 4.31
C ILE B 75 -0.39 4.49 5.51
N TYR B 76 -0.27 5.79 5.25
CA TYR B 76 -0.11 6.77 6.31
C TYR B 76 -1.39 7.51 6.66
N ALA B 77 -2.22 7.83 5.67
CA ALA B 77 -3.40 8.65 5.90
C ALA B 77 -4.55 8.20 5.00
N MET B 78 -5.76 8.55 5.42
CA MET B 78 -6.99 8.15 4.75
C MET B 78 -8.10 9.14 5.11
N HIS B 79 -9.13 9.16 4.27
CA HIS B 79 -10.27 10.06 4.46
C HIS B 79 -11.49 9.49 3.74
N TRP B 80 -12.60 9.36 4.46
CA TRP B 80 -13.85 8.96 3.84
C TRP B 80 -14.45 10.10 3.04
N GLY B 81 -15.25 9.73 2.03
CA GLY B 81 -16.07 10.71 1.34
C GLY B 81 -17.35 10.99 2.09
N THR B 82 -18.02 12.07 1.69
CA THR B 82 -19.24 12.48 2.38
C THR B 82 -20.47 11.71 1.93
N ASP B 83 -20.39 10.97 0.82
CA ASP B 83 -21.47 10.08 0.42
C ASP B 83 -21.28 8.66 0.94
N SER B 84 -20.21 8.44 1.72
CA SER B 84 -19.86 7.20 2.43
C SER B 84 -19.64 6.01 1.51
N ARG B 85 -19.27 6.25 0.26
CA ARG B 85 -18.89 5.18 -0.66
C ARG B 85 -17.52 5.40 -1.26
N LEU B 86 -17.18 6.64 -1.63
CA LEU B 86 -15.84 6.95 -2.10
C LEU B 86 -14.86 6.99 -0.93
N LEU B 87 -13.59 6.75 -1.25
CA LEU B 87 -12.56 6.60 -0.24
C LEU B 87 -11.22 6.88 -0.91
N VAL B 88 -10.37 7.66 -0.24
CA VAL B 88 -9.05 7.99 -0.76
C VAL B 88 -8.00 7.69 0.32
N SER B 89 -6.92 7.03 -0.09
CA SER B 89 -5.85 6.64 0.82
C SER B 89 -4.50 7.01 0.23
N ALA B 90 -3.57 7.36 1.12
CA ALA B 90 -2.23 7.77 0.74
C ALA B 90 -1.21 6.76 1.28
N SER B 91 -0.07 6.66 0.59
CA SER B 91 0.97 5.73 0.98
C SER B 91 2.33 6.30 0.59
N GLN B 92 3.38 5.74 1.18
CA GLN B 92 4.72 6.29 1.03
C GLN B 92 5.44 5.84 -0.24
N ASP B 93 4.82 5.00 -1.06
CA ASP B 93 5.43 4.65 -2.34
C ASP B 93 5.30 5.77 -3.37
N GLY B 94 4.36 6.67 -3.19
CA GLY B 94 4.19 7.81 -4.06
C GLY B 94 3.01 7.74 -5.00
N LYS B 95 1.92 7.08 -4.63
CA LYS B 95 0.74 7.02 -5.48
C LYS B 95 -0.49 6.97 -4.59
N LEU B 96 -1.48 7.78 -4.94
CA LEU B 96 -2.67 8.01 -4.13
C LEU B 96 -3.87 7.43 -4.85
N ILE B 97 -4.62 6.56 -4.17
CA ILE B 97 -5.59 5.67 -4.82
C ILE B 97 -6.99 6.03 -4.31
N ILE B 98 -7.89 6.34 -5.25
CA ILE B 98 -9.31 6.52 -4.95
C ILE B 98 -10.00 5.16 -4.97
N TRP B 99 -10.69 4.83 -3.89
CA TRP B 99 -11.31 3.53 -3.71
C TRP B 99 -12.81 3.59 -3.91
N ASP B 100 -13.38 2.44 -4.26
CA ASP B 100 -14.81 2.19 -4.21
C ASP B 100 -15.05 1.15 -3.13
N SER B 101 -15.74 1.55 -2.05
CA SER B 101 -15.79 0.74 -0.85
C SER B 101 -16.75 -0.44 -0.96
N TYR B 102 -17.84 -0.31 -1.72
CA TYR B 102 -18.85 -1.37 -1.76
C TYR B 102 -18.40 -2.54 -2.63
N THR B 103 -17.75 -2.25 -3.76
CA THR B 103 -17.45 -3.26 -4.77
C THR B 103 -15.98 -3.65 -4.83
N THR B 104 -15.16 -3.10 -3.91
CA THR B 104 -13.67 -3.20 -3.87
C THR B 104 -13.02 -2.82 -5.21
N ASN B 105 -13.51 -1.74 -5.81
CA ASN B 105 -12.97 -1.24 -7.06
C ASN B 105 -12.08 -0.05 -6.80
N LYS B 106 -11.17 0.21 -7.74
CA LYS B 106 -10.32 1.38 -7.71
C LYS B 106 -10.79 2.35 -8.78
N VAL B 107 -11.24 3.53 -8.37
CA VAL B 107 -11.79 4.50 -9.31
C VAL B 107 -10.67 5.28 -9.99
N HIS B 108 -9.76 5.85 -9.20
CA HIS B 108 -8.60 6.54 -9.72
C HIS B 108 -7.35 6.09 -8.99
N ALA B 109 -6.21 6.23 -9.68
CA ALA B 109 -4.89 6.01 -9.09
C ALA B 109 -4.02 7.19 -9.50
N ILE B 110 -3.74 8.08 -8.55
CA ILE B 110 -3.11 9.37 -8.84
C ILE B 110 -1.64 9.26 -8.47
N PRO B 111 -0.72 9.33 -9.43
CA PRO B 111 0.71 9.39 -9.08
C PRO B 111 1.07 10.77 -8.55
N LEU B 112 1.97 10.78 -7.57
CA LEU B 112 2.36 12.01 -6.88
C LEU B 112 3.80 12.36 -7.19
N ARG B 113 4.12 13.65 -7.02
CA ARG B 113 5.48 14.12 -7.29
C ARG B 113 6.44 13.68 -6.18
N SER B 114 6.02 13.81 -4.93
CA SER B 114 6.82 13.39 -3.79
C SER B 114 6.34 12.04 -3.29
N SER B 115 7.28 11.21 -2.84
CA SER B 115 6.93 9.86 -2.38
C SER B 115 6.29 9.88 -1.00
N TRP B 116 6.76 10.77 -0.13
CA TRP B 116 6.28 10.80 1.25
C TRP B 116 5.10 11.72 1.50
N VAL B 117 3.90 11.16 1.59
CA VAL B 117 2.71 11.93 1.92
C VAL B 117 2.19 11.44 3.27
N MET B 118 1.97 12.39 4.18
CA MET B 118 1.52 12.08 5.53
C MET B 118 0.06 12.48 5.78
N THR B 119 -0.53 13.27 4.89
CA THR B 119 -1.92 13.69 5.03
C THR B 119 -2.69 13.37 3.77
N CYS B 120 -4.01 13.30 3.92
CA CYS B 120 -4.91 12.97 2.82
C CYS B 120 -6.26 13.57 3.13
N ALA B 121 -6.82 14.31 2.16
CA ALA B 121 -8.05 15.04 2.37
C ALA B 121 -9.01 14.81 1.21
N TYR B 122 -10.32 14.85 1.47
CA TYR B 122 -11.35 14.71 0.43
C TYR B 122 -12.38 15.82 0.60
N ALA B 123 -12.68 16.60 -0.44
CA ALA B 123 -13.63 17.69 -0.43
C ALA B 123 -15.03 17.17 -0.06
N PRO B 124 -15.86 18.00 0.60
CA PRO B 124 -17.25 17.58 0.84
C PRO B 124 -18.11 17.51 -0.41
N SER B 125 -17.75 18.22 -1.48
CA SER B 125 -18.43 18.07 -2.77
C SER B 125 -17.86 16.93 -3.60
N GLY B 126 -16.70 16.38 -3.20
CA GLY B 126 -16.10 15.28 -3.94
C GLY B 126 -15.34 15.67 -5.18
N ASN B 127 -15.09 16.97 -5.38
CA ASN B 127 -14.44 17.41 -6.62
C ASN B 127 -12.93 17.47 -6.50
N TYR B 128 -12.39 17.68 -5.30
CA TYR B 128 -10.96 17.88 -5.12
C TYR B 128 -10.42 16.95 -4.05
N VAL B 129 -9.15 16.55 -4.21
CA VAL B 129 -8.43 15.74 -3.24
C VAL B 129 -7.08 16.42 -3.01
N ALA B 130 -6.77 16.74 -1.75
CA ALA B 130 -5.50 17.35 -1.40
C ALA B 130 -4.62 16.40 -0.61
N CYS B 131 -3.31 16.54 -0.79
CA CYS B 131 -2.33 15.74 -0.08
C CYS B 131 -1.05 16.53 0.07
N GLY B 132 -0.23 16.14 1.04
CA GLY B 132 1.02 16.81 1.30
C GLY B 132 1.90 15.97 2.19
N GLY B 133 3.14 16.43 2.38
CA GLY B 133 4.11 15.64 3.12
C GLY B 133 5.40 16.35 3.44
N LEU B 134 6.53 15.66 3.24
CA LEU B 134 7.84 16.18 3.60
C LEU B 134 8.38 17.23 2.63
N ASP B 135 7.72 17.45 1.48
CA ASP B 135 8.16 18.45 0.51
C ASP B 135 7.59 19.84 0.80
N ASN B 136 6.80 19.98 1.87
CA ASN B 136 6.13 21.21 2.33
C ASN B 136 5.19 21.80 1.27
N ILE B 137 4.58 20.94 0.46
CA ILE B 137 3.71 21.35 -0.65
C ILE B 137 2.36 20.69 -0.45
N CYS B 138 1.30 21.50 -0.39
CA CYS B 138 -0.06 21.00 -0.33
C CYS B 138 -0.62 20.95 -1.76
N SER B 139 -0.50 19.79 -2.40
CA SER B 139 -0.93 19.62 -3.77
C SER B 139 -2.41 19.20 -3.81
N ILE B 140 -3.22 19.98 -4.53
CA ILE B 140 -4.64 19.72 -4.67
C ILE B 140 -4.89 19.18 -6.08
N TYR B 141 -5.66 18.11 -6.18
CA TYR B 141 -5.86 17.40 -7.44
C TYR B 141 -7.33 17.46 -7.83
N ASN B 142 -7.58 17.80 -9.10
CA ASN B 142 -8.93 17.93 -9.63
C ASN B 142 -9.40 16.56 -10.11
N LEU B 143 -10.55 16.11 -9.59
CA LEU B 143 -11.04 14.78 -9.91
C LEU B 143 -12.01 14.78 -11.09
N LYS B 144 -12.87 15.80 -11.18
CA LYS B 144 -13.99 15.80 -12.11
C LYS B 144 -13.77 16.72 -13.30
N THR B 145 -12.54 16.77 -13.82
CA THR B 145 -12.26 17.60 -14.98
C THR B 145 -12.73 16.91 -16.27
N ARG B 146 -12.72 17.68 -17.36
CA ARG B 146 -13.27 17.20 -18.63
C ARG B 146 -12.36 16.22 -19.35
N GLU B 147 -11.04 16.31 -19.14
CA GLU B 147 -10.09 15.52 -19.90
C GLU B 147 -10.02 14.06 -19.44
N GLY B 148 -10.56 13.74 -18.26
CA GLY B 148 -10.68 12.37 -17.81
C GLY B 148 -9.53 11.88 -16.96
N ASN B 149 -8.42 12.61 -16.91
CA ASN B 149 -7.29 12.26 -16.07
C ASN B 149 -7.18 13.20 -14.88
N VAL B 150 -6.76 12.67 -13.74
CA VAL B 150 -6.64 13.47 -12.52
C VAL B 150 -5.35 14.28 -12.60
N ARG B 151 -5.49 15.59 -12.73
CA ARG B 151 -4.36 16.50 -12.78
C ARG B 151 -4.33 17.37 -11.53
N VAL B 152 -3.18 17.98 -11.29
CA VAL B 152 -3.00 18.85 -10.13
C VAL B 152 -3.67 20.19 -10.39
N SER B 153 -4.35 20.73 -9.38
CA SER B 153 -5.00 22.03 -9.53
C SER B 153 -4.02 23.17 -9.28
N ARG B 154 -3.51 23.27 -8.05
CA ARG B 154 -2.56 24.31 -7.68
C ARG B 154 -1.77 23.83 -6.48
N GLU B 155 -0.45 24.01 -6.52
CA GLU B 155 0.41 23.70 -5.38
C GLU B 155 0.47 24.88 -4.42
N LEU B 156 0.46 24.60 -3.13
CA LEU B 156 0.59 25.62 -2.10
C LEU B 156 1.97 25.54 -1.47
N ALA B 157 2.67 26.68 -1.43
CA ALA B 157 4.09 26.72 -1.14
C ALA B 157 4.42 27.78 -0.10
N GLY B 158 3.69 27.80 1.01
CA GLY B 158 3.91 28.78 2.04
C GLY B 158 4.46 28.27 3.36
N HIS B 159 4.45 26.97 3.59
CA HIS B 159 4.97 26.41 4.84
C HIS B 159 6.44 26.05 4.68
N THR B 160 7.23 26.31 5.71
CA THR B 160 8.63 25.92 5.75
C THR B 160 8.84 24.59 6.48
N GLY B 161 7.80 24.01 7.07
CA GLY B 161 7.91 22.74 7.73
C GLY B 161 7.08 21.68 7.02
N TYR B 162 7.23 20.44 7.48
CA TYR B 162 6.56 19.30 6.87
C TYR B 162 5.07 19.31 7.15
N LEU B 163 4.28 18.96 6.13
CA LEU B 163 2.83 18.96 6.27
C LEU B 163 2.38 17.71 7.02
N SER B 164 1.40 17.88 7.91
CA SER B 164 0.92 16.80 8.76
C SER B 164 -0.56 16.50 8.59
N CYS B 165 -1.41 17.52 8.50
CA CYS B 165 -2.85 17.31 8.37
C CYS B 165 -3.45 18.43 7.54
N CYS B 166 -4.53 18.10 6.84
CA CYS B 166 -5.31 19.08 6.08
C CYS B 166 -6.74 18.58 5.96
N ARG B 167 -7.70 19.48 6.14
CA ARG B 167 -9.11 19.17 5.96
C ARG B 167 -9.74 20.25 5.10
N PHE B 168 -10.61 19.83 4.19
CA PHE B 168 -11.33 20.76 3.33
C PHE B 168 -12.46 21.44 4.10
N LEU B 169 -12.58 22.75 3.93
CA LEU B 169 -13.75 23.48 4.42
C LEU B 169 -14.79 23.61 3.32
N ASP B 170 -14.43 24.29 2.25
CA ASP B 170 -15.20 24.42 1.02
C ASP B 170 -14.35 23.89 -0.14
N ASP B 171 -14.82 24.12 -1.35
CA ASP B 171 -14.01 23.87 -2.54
C ASP B 171 -13.02 24.98 -2.84
N ASN B 172 -13.07 26.10 -2.10
CA ASN B 172 -12.15 27.20 -2.27
C ASN B 172 -11.29 27.45 -1.04
N GLN B 173 -11.62 26.86 0.10
CA GLN B 173 -10.88 27.06 1.34
C GLN B 173 -10.42 25.73 1.91
N ILE B 174 -9.22 25.73 2.49
CA ILE B 174 -8.63 24.54 3.10
C ILE B 174 -7.70 25.00 4.22
N VAL B 175 -7.85 24.40 5.40
CA VAL B 175 -6.93 24.66 6.50
C VAL B 175 -5.92 23.51 6.55
N THR B 176 -4.70 23.82 6.97
CA THR B 176 -3.61 22.86 6.98
C THR B 176 -2.90 22.86 8.33
N SER B 177 -2.33 21.71 8.68
CA SER B 177 -1.42 21.59 9.81
C SER B 177 -0.02 21.35 9.27
N SER B 178 0.98 21.90 9.96
CA SER B 178 2.36 21.75 9.51
C SER B 178 3.27 21.68 10.74
N GLY B 179 4.49 21.24 10.50
CA GLY B 179 5.47 21.01 11.54
C GLY B 179 6.36 22.18 11.87
N ASP B 180 6.01 23.40 11.44
CA ASP B 180 6.80 24.59 11.77
C ASP B 180 6.10 25.46 12.80
N THR B 181 5.42 24.82 13.77
CA THR B 181 4.59 25.43 14.85
C THR B 181 3.52 26.38 14.29
N THR B 182 2.92 26.04 13.15
CA THR B 182 2.04 26.98 12.47
C THR B 182 0.97 26.21 11.72
N CYS B 183 -0.30 26.48 12.03
CA CYS B 183 -1.43 26.13 11.18
C CYS B 183 -1.81 27.33 10.32
N ALA B 184 -2.48 27.06 9.20
CA ALA B 184 -2.79 28.11 8.26
C ALA B 184 -4.02 27.78 7.43
N LEU B 185 -4.86 28.77 7.22
CA LEU B 185 -5.90 28.69 6.21
C LEU B 185 -5.31 28.98 4.83
N TRP B 186 -6.06 28.62 3.79
CA TRP B 186 -5.61 28.82 2.43
C TRP B 186 -6.76 29.22 1.53
N ASP B 187 -6.43 29.87 0.43
CA ASP B 187 -7.36 30.15 -0.65
C ASP B 187 -6.92 29.33 -1.86
N ILE B 188 -7.85 28.54 -2.41
CA ILE B 188 -7.52 27.65 -3.53
C ILE B 188 -7.37 28.45 -4.82
N GLU B 189 -8.24 29.43 -5.05
CA GLU B 189 -8.19 30.22 -6.27
C GLU B 189 -7.03 31.22 -6.26
N THR B 190 -6.81 31.89 -5.12
CA THR B 190 -5.76 32.90 -5.04
C THR B 190 -4.39 32.28 -4.86
N GLY B 191 -4.26 31.34 -3.93
CA GLY B 191 -3.00 30.69 -3.65
C GLY B 191 -2.22 31.26 -2.48
N GLN B 192 -2.82 32.15 -1.69
CA GLN B 192 -2.13 32.80 -0.58
C GLN B 192 -2.81 32.46 0.73
N GLN B 193 -2.07 32.67 1.81
CA GLN B 193 -2.59 32.46 3.16
C GLN B 193 -3.57 33.57 3.52
N THR B 194 -4.83 33.21 3.77
CA THR B 194 -5.80 34.20 4.21
C THR B 194 -5.56 34.59 5.67
N THR B 195 -5.29 33.61 6.53
CA THR B 195 -4.93 33.87 7.92
C THR B 195 -3.99 32.77 8.37
N THR B 196 -3.27 33.04 9.46
CA THR B 196 -2.32 32.09 10.02
C THR B 196 -2.62 31.88 11.50
N PHE B 197 -2.04 30.80 12.04
CA PHE B 197 -2.27 30.40 13.43
C PHE B 197 -0.90 30.10 14.03
N THR B 198 -0.37 31.04 14.82
CA THR B 198 1.02 30.94 15.29
C THR B 198 1.11 30.90 16.81
N GLY B 199 0.29 30.09 17.46
CA GLY B 199 0.30 29.98 18.90
C GLY B 199 0.90 28.73 19.49
N HIS B 200 1.32 27.78 18.67
CA HIS B 200 1.87 26.51 19.15
C HIS B 200 3.36 26.64 19.42
N THR B 201 3.84 25.85 20.38
CA THR B 201 5.26 25.75 20.69
C THR B 201 5.88 24.43 20.23
N GLY B 202 5.07 23.50 19.71
CA GLY B 202 5.56 22.23 19.22
C GLY B 202 4.99 21.91 17.86
N ASP B 203 5.48 20.81 17.29
CA ASP B 203 5.14 20.43 15.92
C ASP B 203 3.72 19.91 15.85
N VAL B 204 2.87 20.59 15.08
CA VAL B 204 1.46 20.23 14.96
C VAL B 204 1.31 19.00 14.09
N MET B 205 0.58 18.00 14.58
CA MET B 205 0.46 16.72 13.89
C MET B 205 -0.92 16.44 13.35
N SER B 206 -1.98 16.99 13.93
CA SER B 206 -3.33 16.72 13.46
C SER B 206 -4.24 17.89 13.77
N LEU B 207 -5.31 18.01 12.99
CA LEU B 207 -6.42 18.91 13.29
C LEU B 207 -7.73 18.19 13.00
N SER B 208 -8.80 18.65 13.64
CA SER B 208 -10.14 18.11 13.45
C SER B 208 -11.11 19.27 13.29
N LEU B 209 -11.98 19.17 12.29
CA LEU B 209 -12.93 20.23 11.99
C LEU B 209 -14.26 20.01 12.73
N ALA B 210 -14.92 21.13 13.04
CA ALA B 210 -16.24 21.08 13.63
C ALA B 210 -17.27 20.71 12.58
N PRO B 211 -18.43 20.17 13.00
CA PRO B 211 -19.57 20.07 12.07
C PRO B 211 -20.09 21.41 11.57
N ASP B 212 -19.98 22.47 12.37
CA ASP B 212 -20.40 23.80 11.96
C ASP B 212 -19.30 24.56 11.22
N THR B 213 -18.08 23.98 11.14
CA THR B 213 -16.94 24.29 10.27
C THR B 213 -16.17 25.58 10.67
N ARG B 214 -16.76 26.42 11.52
CA ARG B 214 -16.14 27.69 11.90
C ARG B 214 -15.08 27.54 12.99
N LEU B 215 -14.91 26.35 13.57
CA LEU B 215 -13.89 26.11 14.57
C LEU B 215 -13.12 24.85 14.23
N PHE B 216 -11.85 24.81 14.64
CA PHE B 216 -11.07 23.58 14.57
C PHE B 216 -10.05 23.60 15.71
N VAL B 217 -9.69 22.40 16.18
CA VAL B 217 -8.75 22.23 17.27
C VAL B 217 -7.57 21.40 16.75
N SER B 218 -6.35 21.83 17.11
CA SER B 218 -5.14 21.16 16.66
C SER B 218 -4.22 20.91 17.84
N GLY B 219 -3.74 19.67 17.96
CA GLY B 219 -2.79 19.30 18.99
C GLY B 219 -1.40 19.20 18.41
N ALA B 220 -0.39 19.37 19.26
CA ALA B 220 0.99 19.41 18.80
C ALA B 220 1.84 18.56 19.73
N CYS B 221 3.17 18.70 19.58
CA CYS B 221 4.12 17.84 20.27
C CYS B 221 4.42 18.30 21.70
N ASP B 222 3.89 19.44 22.13
CA ASP B 222 4.13 19.96 23.47
C ASP B 222 2.96 19.68 24.41
N ALA B 223 2.17 18.63 24.10
CA ALA B 223 0.98 18.15 24.84
C ALA B 223 -0.07 19.24 25.02
N SER B 224 -0.26 20.03 23.97
CA SER B 224 -1.23 21.10 24.00
C SER B 224 -2.14 21.00 22.85
N ALA B 225 -3.41 21.26 23.06
CA ALA B 225 -4.39 21.35 21.99
C ALA B 225 -5.04 22.72 22.06
N LYS B 226 -4.93 23.50 20.99
CA LYS B 226 -5.48 24.85 20.94
C LYS B 226 -6.74 24.85 20.08
N LEU B 227 -7.83 25.40 20.62
CA LEU B 227 -9.05 25.60 19.84
C LEU B 227 -8.95 26.95 19.14
N TRP B 228 -8.91 26.93 17.81
CA TRP B 228 -8.76 28.14 17.03
C TRP B 228 -10.10 28.61 16.50
N ASP B 229 -10.11 29.84 15.99
CA ASP B 229 -11.27 30.41 15.31
C ASP B 229 -10.90 30.63 13.86
N VAL B 230 -11.73 30.10 12.96
CA VAL B 230 -11.43 30.14 11.52
C VAL B 230 -11.66 31.55 10.96
N ARG B 231 -12.80 32.16 11.31
CA ARG B 231 -13.11 33.51 10.82
C ARG B 231 -12.26 34.57 11.51
N GLU B 232 -12.08 34.47 12.83
CA GLU B 232 -11.35 35.49 13.58
C GLU B 232 -9.85 35.37 13.39
N GLY B 233 -9.31 34.15 13.38
CA GLY B 233 -7.89 33.94 13.23
C GLY B 233 -7.09 33.88 14.51
N MET B 234 -7.73 33.65 15.65
CA MET B 234 -7.06 33.65 16.95
C MET B 234 -7.34 32.34 17.67
N CYS B 235 -6.65 32.15 18.78
CA CYS B 235 -6.81 30.95 19.60
C CYS B 235 -7.79 31.24 20.73
N ARG B 236 -8.76 30.34 20.92
CA ARG B 236 -9.78 30.53 21.93
C ARG B 236 -9.38 29.91 23.27
N GLN B 237 -9.09 28.60 23.27
CA GLN B 237 -8.82 27.87 24.50
C GLN B 237 -7.54 27.06 24.35
N THR B 238 -6.95 26.72 25.49
CA THR B 238 -5.73 25.92 25.56
C THR B 238 -5.97 24.72 26.47
N PHE B 239 -5.75 23.53 25.95
CA PHE B 239 -6.01 22.28 26.67
C PHE B 239 -4.69 21.56 26.89
N THR B 240 -4.31 21.38 28.16
CA THR B 240 -3.04 20.74 28.52
C THR B 240 -3.31 19.66 29.57
N GLY B 241 -3.42 18.42 29.12
CA GLY B 241 -3.59 17.28 30.00
C GLY B 241 -2.71 16.09 29.71
N HIS B 242 -2.01 16.05 28.58
CA HIS B 242 -1.22 14.90 28.18
C HIS B 242 0.20 15.03 28.71
N GLU B 243 0.94 13.91 28.66
CA GLU B 243 2.29 13.89 29.18
C GLU B 243 3.35 13.90 28.09
N SER B 244 2.99 13.54 26.85
CA SER B 244 3.94 13.48 25.75
C SER B 244 3.27 14.03 24.51
N ASP B 245 3.80 13.69 23.35
CA ASP B 245 3.29 14.20 22.11
C ASP B 245 1.92 13.82 21.80
N ILE B 246 1.31 14.55 20.90
CA ILE B 246 -0.04 14.22 20.45
C ILE B 246 0.02 13.90 18.96
N ASN B 247 -0.44 12.70 18.59
CA ASN B 247 -0.53 12.29 17.20
C ASN B 247 -1.95 12.20 16.69
N ALA B 248 -2.95 12.48 17.52
CA ALA B 248 -4.31 12.14 17.17
C ALA B 248 -5.28 13.12 17.83
N ILE B 249 -6.29 13.58 17.07
CA ILE B 249 -7.33 14.51 17.56
C ILE B 249 -8.60 14.29 16.79
N CYS B 250 -9.76 14.42 17.42
CA CYS B 250 -11.03 14.20 16.78
C CYS B 250 -12.16 14.92 17.51
N PHE B 251 -13.17 15.47 16.83
CA PHE B 251 -14.33 16.11 17.44
C PHE B 251 -15.55 15.23 17.64
N PHE B 252 -16.29 15.43 18.69
CA PHE B 252 -17.50 14.67 18.94
C PHE B 252 -18.46 15.09 17.92
N PRO B 253 -19.39 14.21 17.57
CA PRO B 253 -20.44 14.56 16.65
C PRO B 253 -21.08 15.96 16.77
N ASN B 254 -21.39 16.45 17.96
CA ASN B 254 -22.07 17.73 18.16
C ASN B 254 -21.11 18.91 18.10
N GLY B 255 -19.81 18.68 18.20
CA GLY B 255 -18.84 19.75 18.18
C GLY B 255 -18.65 20.48 19.50
N ASN B 256 -19.14 19.94 20.60
CA ASN B 256 -18.98 20.55 21.91
C ASN B 256 -17.88 19.91 22.74
N ALA B 257 -17.21 18.89 22.21
CA ALA B 257 -16.12 18.21 22.90
C ALA B 257 -15.19 17.61 21.85
N PHE B 258 -14.02 17.18 22.30
CA PHE B 258 -13.08 16.49 21.43
C PHE B 258 -12.22 15.54 22.26
N ALA B 259 -11.89 14.40 21.66
CA ALA B 259 -11.00 13.41 22.26
C ALA B 259 -9.63 13.49 21.62
N THR B 260 -8.59 13.27 22.42
CA THR B 260 -7.22 13.49 22.01
C THR B 260 -6.38 12.26 22.31
N GLY B 261 -5.73 11.72 21.29
CA GLY B 261 -4.81 10.61 21.45
C GLY B 261 -3.37 11.09 21.50
N SER B 262 -2.53 10.37 22.25
CA SER B 262 -1.15 10.77 22.44
C SER B 262 -0.30 9.52 22.62
N ASP B 263 0.98 9.74 22.98
CA ASP B 263 1.94 8.66 23.17
C ASP B 263 2.05 8.23 24.63
N ASP B 264 1.04 8.51 25.44
CA ASP B 264 1.00 8.04 26.83
C ASP B 264 0.26 6.73 26.99
N ALA B 265 -0.10 6.08 25.87
CA ALA B 265 -1.10 5.00 25.76
C ALA B 265 -2.41 5.39 26.43
N THR B 266 -2.87 6.62 26.16
CA THR B 266 -3.95 7.23 26.92
C THR B 266 -4.68 8.20 26.00
N CYS B 267 -5.99 7.98 25.83
CA CYS B 267 -6.85 8.93 25.15
C CYS B 267 -7.54 9.79 26.20
N ARG B 268 -7.61 11.10 25.94
CA ARG B 268 -8.18 12.05 26.89
C ARG B 268 -9.29 12.83 26.21
N LEU B 269 -10.43 12.95 26.87
CA LEU B 269 -11.59 13.67 26.36
C LEU B 269 -11.62 15.07 26.95
N PHE B 270 -11.64 16.08 26.09
CA PHE B 270 -11.67 17.47 26.52
C PHE B 270 -12.98 18.11 26.06
N ASP B 271 -13.58 18.90 26.93
CA ASP B 271 -14.82 19.60 26.63
C ASP B 271 -14.52 21.07 26.36
N LEU B 272 -15.19 21.63 25.34
CA LEU B 272 -14.95 23.02 24.98
C LEU B 272 -15.60 24.00 25.95
N ARG B 273 -16.75 23.65 26.51
CA ARG B 273 -17.51 24.60 27.31
C ARG B 273 -16.95 24.72 28.73
N ALA B 274 -16.66 23.59 29.38
CA ALA B 274 -16.07 23.63 30.71
C ALA B 274 -14.59 24.01 30.67
N ASP B 275 -13.91 23.63 29.58
CA ASP B 275 -12.51 23.94 29.22
C ASP B 275 -11.59 23.34 30.31
N GLN B 276 -11.73 22.02 30.47
CA GLN B 276 -10.84 21.17 31.26
C GLN B 276 -11.01 19.73 30.79
N GLU B 277 -10.28 18.83 31.43
CA GLU B 277 -10.28 17.43 31.05
C GLU B 277 -11.51 16.71 31.62
N LEU B 278 -12.22 15.99 30.76
CA LEU B 278 -13.41 15.26 31.19
C LEU B 278 -13.08 13.86 31.71
N MET B 279 -12.48 13.02 30.87
CA MET B 279 -12.40 11.60 31.18
C MET B 279 -11.19 10.99 30.49
N THR B 280 -10.42 10.20 31.23
CA THR B 280 -9.20 9.57 30.75
C THR B 280 -9.50 8.14 30.32
N TYR B 281 -9.13 7.80 29.08
CA TYR B 281 -9.29 6.45 28.53
C TYR B 281 -7.90 5.79 28.53
N SER B 282 -7.67 4.88 29.48
CA SER B 282 -6.38 4.23 29.59
C SER B 282 -6.55 2.85 30.21
N HIS B 283 -5.55 2.00 30.00
CA HIS B 283 -5.50 0.68 30.61
C HIS B 283 -4.05 0.35 30.94
N ASP B 284 -3.89 -0.65 31.81
CA ASP B 284 -2.55 -1.00 32.31
C ASP B 284 -1.74 -1.79 31.28
N ASN B 285 -2.42 -2.65 30.54
CA ASN B 285 -1.79 -3.51 29.55
C ASN B 285 -1.26 -2.85 28.30
N ILE B 286 -1.74 -1.66 28.01
CA ILE B 286 -1.34 -0.92 26.82
C ILE B 286 -0.23 0.05 27.21
N ILE B 287 0.91 -0.05 26.52
CA ILE B 287 2.04 0.85 26.74
C ILE B 287 2.39 1.66 25.49
N CYS B 288 1.71 1.43 24.37
CA CYS B 288 2.08 2.02 23.09
C CYS B 288 1.10 3.12 22.70
N GLY B 289 1.61 4.10 21.96
CA GLY B 289 0.89 5.33 21.70
C GLY B 289 -0.26 5.20 20.72
N ILE B 290 -1.09 6.25 20.70
CA ILE B 290 -2.29 6.31 19.88
C ILE B 290 -1.98 7.12 18.63
N THR B 291 -2.30 6.57 17.46
CA THR B 291 -2.01 7.22 16.19
C THR B 291 -3.21 7.96 15.61
N SER B 292 -4.40 7.37 15.66
CA SER B 292 -5.61 8.01 15.14
C SER B 292 -6.77 7.71 16.06
N VAL B 293 -7.69 8.67 16.18
CA VAL B 293 -8.92 8.50 16.93
C VAL B 293 -10.09 8.93 16.07
N SER B 294 -11.24 8.27 16.26
CA SER B 294 -12.47 8.63 15.58
C SER B 294 -13.65 8.20 16.42
N PHE B 295 -14.73 8.96 16.32
CA PHE B 295 -15.96 8.67 17.04
C PHE B 295 -16.96 7.94 16.14
N SER B 296 -18.04 7.48 16.74
CA SER B 296 -19.15 6.90 16.01
C SER B 296 -20.14 7.99 15.64
N LYS B 297 -21.30 7.61 15.09
CA LYS B 297 -22.32 8.61 14.77
C LYS B 297 -23.03 9.08 16.03
N SER B 298 -23.34 8.17 16.95
CA SER B 298 -23.97 8.55 18.20
C SER B 298 -22.97 9.19 19.17
N GLY B 299 -21.70 8.85 19.06
CA GLY B 299 -20.70 9.30 19.99
C GLY B 299 -20.46 8.37 21.16
N ARG B 300 -21.11 7.20 21.17
CA ARG B 300 -20.90 6.24 22.25
C ARG B 300 -19.56 5.53 22.11
N LEU B 301 -19.21 5.12 20.90
CA LEU B 301 -18.01 4.35 20.65
C LEU B 301 -16.88 5.27 20.20
N LEU B 302 -15.71 5.12 20.82
CA LEU B 302 -14.51 5.84 20.44
C LEU B 302 -13.45 4.83 20.03
N LEU B 303 -13.09 4.84 18.76
CA LEU B 303 -12.14 3.88 18.20
C LEU B 303 -10.77 4.54 18.08
N ALA B 304 -9.76 3.88 18.62
CA ALA B 304 -8.41 4.42 18.66
C ALA B 304 -7.42 3.41 18.13
N GLY B 305 -6.58 3.82 17.18
CA GLY B 305 -5.51 2.98 16.71
C GLY B 305 -4.36 2.93 17.70
N TYR B 306 -3.51 1.92 17.54
CA TYR B 306 -2.41 1.71 18.47
C TYR B 306 -1.20 1.16 17.70
N ASP B 307 -0.08 1.01 18.40
CA ASP B 307 1.07 0.29 17.90
C ASP B 307 1.10 -1.15 18.39
N ASP B 308 0.02 -1.62 19.03
CA ASP B 308 -0.17 -3.01 19.39
C ASP B 308 -0.88 -3.81 18.31
N PHE B 309 -0.88 -3.29 17.07
CA PHE B 309 -1.32 -3.95 15.83
C PHE B 309 -2.83 -4.22 15.82
N ASN B 310 -3.60 -3.41 16.56
CA ASN B 310 -5.05 -3.52 16.60
C ASN B 310 -5.65 -2.16 16.91
N CYS B 311 -6.98 -2.11 16.92
CA CYS B 311 -7.71 -0.90 17.28
C CYS B 311 -8.72 -1.25 18.37
N ASN B 312 -8.69 -0.49 19.46
CA ASN B 312 -9.60 -0.71 20.57
C ASN B 312 -10.85 0.16 20.41
N VAL B 313 -12.00 -0.42 20.75
CA VAL B 313 -13.28 0.30 20.72
C VAL B 313 -13.59 0.69 22.15
N TRP B 314 -13.34 1.95 22.49
CA TRP B 314 -13.61 2.48 23.82
C TRP B 314 -15.01 3.03 23.88
N ASP B 315 -15.75 2.67 24.94
CA ASP B 315 -16.97 3.39 25.26
C ASP B 315 -16.61 4.78 25.78
N ALA B 316 -17.25 5.80 25.20
CA ALA B 316 -16.84 7.17 25.49
C ALA B 316 -17.33 7.66 26.85
N LEU B 317 -18.43 7.09 27.35
CA LEU B 317 -19.02 7.55 28.59
C LEU B 317 -18.68 6.68 29.79
N LYS B 318 -18.27 5.43 29.57
CA LYS B 318 -17.95 4.51 30.66
C LYS B 318 -16.48 4.18 30.79
N ALA B 319 -15.70 4.37 29.71
CA ALA B 319 -14.25 4.10 29.59
C ALA B 319 -13.89 2.66 29.94
N ASP B 320 -14.43 1.73 29.15
CA ASP B 320 -14.07 0.33 29.26
C ASP B 320 -13.88 -0.24 27.86
N ARG B 321 -13.07 -1.29 27.78
CA ARG B 321 -12.75 -1.95 26.52
C ARG B 321 -13.96 -2.74 26.02
N ALA B 322 -14.68 -2.19 25.05
CA ALA B 322 -15.84 -2.83 24.48
C ALA B 322 -15.55 -3.66 23.24
N GLY B 323 -14.32 -3.64 22.73
CA GLY B 323 -13.98 -4.43 21.57
C GLY B 323 -12.62 -4.11 20.99
N VAL B 324 -12.01 -5.11 20.34
CA VAL B 324 -10.69 -4.98 19.74
C VAL B 324 -10.79 -5.38 18.27
N LEU B 325 -10.40 -4.46 17.38
CA LEU B 325 -10.35 -4.75 15.95
C LEU B 325 -8.95 -5.24 15.62
N ALA B 326 -8.73 -6.54 15.75
CA ALA B 326 -7.42 -7.15 15.57
C ALA B 326 -7.40 -7.93 14.26
N GLY B 327 -7.00 -7.26 13.19
CA GLY B 327 -6.83 -7.93 11.91
C GLY B 327 -5.63 -7.46 11.12
N HIS B 328 -4.89 -6.50 11.68
CA HIS B 328 -3.77 -5.89 10.97
C HIS B 328 -2.45 -6.50 11.46
N ASP B 329 -1.56 -6.76 10.51
CA ASP B 329 -0.25 -7.33 10.81
C ASP B 329 0.81 -6.27 11.09
N ASN B 330 0.45 -4.99 11.02
CA ASN B 330 1.39 -3.92 11.29
C ASN B 330 0.65 -2.74 11.90
N ARG B 331 1.38 -1.64 12.11
CA ARG B 331 0.91 -0.55 12.96
C ARG B 331 -0.13 0.30 12.24
N VAL B 332 -1.29 0.46 12.88
CA VAL B 332 -2.41 1.21 12.32
C VAL B 332 -2.12 2.70 12.39
N SER B 333 -1.98 3.34 11.22
CA SER B 333 -1.66 4.76 11.19
C SER B 333 -2.92 5.62 11.19
N CYS B 334 -3.92 5.22 10.42
CA CYS B 334 -5.09 6.07 10.18
C CYS B 334 -6.36 5.29 10.43
N LEU B 335 -7.41 6.02 10.81
CA LEU B 335 -8.70 5.44 11.12
C LEU B 335 -9.79 6.41 10.68
N GLY B 336 -10.86 5.87 10.12
CA GLY B 336 -11.95 6.70 9.62
C GLY B 336 -13.28 5.97 9.67
N VAL B 337 -14.29 6.69 10.15
CA VAL B 337 -15.67 6.21 10.22
C VAL B 337 -16.48 7.06 9.25
N THR B 338 -17.48 6.45 8.58
CA THR B 338 -18.32 7.11 7.60
C THR B 338 -19.24 8.18 8.18
N ASP B 339 -19.88 8.98 7.32
CA ASP B 339 -20.76 10.05 7.77
C ASP B 339 -22.08 9.53 8.33
N ASP B 340 -22.57 8.40 7.83
CA ASP B 340 -23.75 7.77 8.40
C ASP B 340 -23.39 6.74 9.46
N GLY B 341 -22.09 6.58 9.77
CA GLY B 341 -21.67 5.66 10.80
C GLY B 341 -21.74 4.19 10.42
N MET B 342 -21.81 3.87 9.13
CA MET B 342 -22.07 2.51 8.71
C MET B 342 -20.85 1.62 8.82
N ALA B 343 -19.66 2.13 8.53
CA ALA B 343 -18.46 1.31 8.50
C ALA B 343 -17.27 2.05 9.11
N VAL B 344 -16.32 1.26 9.62
CA VAL B 344 -15.05 1.76 10.12
C VAL B 344 -13.95 1.18 9.24
N ALA B 345 -13.13 2.05 8.67
CA ALA B 345 -12.01 1.64 7.82
C ALA B 345 -10.72 2.00 8.51
N THR B 346 -9.84 1.01 8.68
CA THR B 346 -8.53 1.19 9.29
C THR B 346 -7.45 0.81 8.30
N GLY B 347 -6.48 1.70 8.12
CA GLY B 347 -5.32 1.43 7.29
C GLY B 347 -4.06 1.34 8.14
N SER B 348 -3.13 0.50 7.72
CA SER B 348 -1.96 0.21 8.55
C SER B 348 -0.73 0.16 7.66
N TRP B 349 0.39 -0.25 8.25
CA TRP B 349 1.70 -0.26 7.60
C TRP B 349 1.95 -1.52 6.78
N ASP B 350 1.02 -2.47 6.75
CA ASP B 350 1.18 -3.68 5.95
C ASP B 350 0.47 -3.58 4.60
N SER B 351 0.33 -2.35 4.08
CA SER B 351 -0.22 -1.97 2.77
C SER B 351 -1.67 -2.36 2.57
N PHE B 352 -2.42 -2.60 3.65
CA PHE B 352 -3.80 -3.04 3.58
C PHE B 352 -4.69 -2.05 4.33
N LEU B 353 -5.89 -1.84 3.81
CA LEU B 353 -6.89 -0.98 4.43
C LEU B 353 -8.17 -1.80 4.54
N LYS B 354 -8.50 -2.24 5.74
CA LYS B 354 -9.64 -3.12 5.94
C LYS B 354 -10.86 -2.35 6.42
N ILE B 355 -12.00 -2.64 5.81
CA ILE B 355 -13.28 -2.03 6.16
C ILE B 355 -14.01 -3.00 7.08
N TRP B 356 -14.35 -2.52 8.28
CA TRP B 356 -14.94 -3.39 9.30
C TRP B 356 -16.46 -3.36 9.20
N ASN B 357 -17.13 -3.91 10.21
CA ASN B 357 -18.57 -4.10 10.21
C ASN B 357 -19.06 -2.71 10.63
N THR C 6 14.37 44.20 22.46
CA THR C 6 14.55 42.76 22.65
C THR C 6 13.29 42.01 22.21
N ALA C 7 13.48 40.92 21.47
CA ALA C 7 12.36 40.12 20.99
C ALA C 7 11.74 39.25 22.08
N SER C 8 12.51 38.94 23.13
CA SER C 8 11.98 38.12 24.22
C SER C 8 10.96 38.88 25.08
N ILE C 9 11.16 40.18 25.23
CA ILE C 9 10.20 41.03 25.96
C ILE C 9 8.90 41.16 25.18
N ALA C 10 8.99 41.26 23.84
CA ALA C 10 7.79 41.34 23.00
C ALA C 10 7.07 39.99 22.93
N GLN C 11 7.82 38.88 22.96
CA GLN C 11 7.22 37.56 22.96
C GLN C 11 6.54 37.27 24.30
N ALA C 12 7.14 37.75 25.40
CA ALA C 12 6.51 37.63 26.72
C ALA C 12 5.29 38.54 26.84
N ARG C 13 5.32 39.72 26.20
CA ARG C 13 4.16 40.61 26.17
C ARG C 13 3.01 40.00 25.37
N LYS C 14 3.33 39.33 24.25
CA LYS C 14 2.32 38.63 23.46
C LYS C 14 1.74 37.43 24.20
N LEU C 15 2.58 36.70 24.96
CA LEU C 15 2.09 35.58 25.77
C LEU C 15 1.24 36.05 26.93
N VAL C 16 1.61 37.18 27.55
CA VAL C 16 0.82 37.77 28.64
C VAL C 16 -0.52 38.32 28.14
N GLU C 17 -0.54 38.93 26.95
CA GLU C 17 -1.80 39.39 26.35
C GLU C 17 -2.68 38.21 25.91
N GLN C 18 -2.06 37.12 25.44
CA GLN C 18 -2.78 35.89 25.11
C GLN C 18 -3.37 35.23 26.36
N LEU C 19 -2.65 35.27 27.49
CA LEU C 19 -3.18 34.71 28.72
C LEU C 19 -4.27 35.57 29.34
N LYS C 20 -4.24 36.90 29.14
CA LYS C 20 -5.41 37.70 29.50
C LYS C 20 -6.59 37.47 28.57
N MET C 21 -6.35 37.20 27.29
CA MET C 21 -7.47 36.89 26.40
C MET C 21 -8.04 35.49 26.67
N GLU C 22 -7.23 34.59 27.22
CA GLU C 22 -7.67 33.25 27.57
C GLU C 22 -8.16 33.13 29.01
N ALA C 23 -7.91 34.13 29.85
CA ALA C 23 -8.30 34.04 31.26
C ALA C 23 -9.79 34.28 31.46
N ASN C 24 -10.37 35.24 30.73
CA ASN C 24 -11.76 35.64 30.94
C ASN C 24 -12.67 34.91 29.95
N ILE C 25 -12.85 33.61 30.19
CA ILE C 25 -13.78 32.78 29.45
C ILE C 25 -14.84 32.29 30.43
N ASP C 26 -16.10 32.54 30.10
CA ASP C 26 -17.22 32.10 30.94
C ASP C 26 -17.41 30.60 30.79
N ARG C 27 -17.14 29.86 31.85
CA ARG C 27 -17.19 28.40 31.82
C ARG C 27 -18.43 27.90 32.55
N ILE C 28 -18.96 26.77 32.08
CA ILE C 28 -20.06 26.11 32.73
C ILE C 28 -19.51 24.96 33.56
N LYS C 29 -20.38 24.34 34.36
CA LYS C 29 -20.00 23.21 35.19
C LYS C 29 -19.72 21.97 34.35
N VAL C 30 -18.94 21.05 34.92
CA VAL C 30 -18.53 19.83 34.24
C VAL C 30 -19.71 18.88 34.09
N SER C 31 -20.57 18.79 35.12
CA SER C 31 -21.71 17.88 35.11
C SER C 31 -22.80 18.31 34.14
N LYS C 32 -22.90 19.61 33.84
CA LYS C 32 -23.89 20.08 32.86
C LYS C 32 -23.50 19.69 31.44
N ALA C 33 -22.22 19.86 31.09
CA ALA C 33 -21.74 19.42 29.78
C ALA C 33 -21.68 17.90 29.67
N ALA C 34 -21.43 17.21 30.79
CA ALA C 34 -21.48 15.76 30.85
C ALA C 34 -22.90 15.23 30.63
N ALA C 35 -23.90 15.90 31.22
CA ALA C 35 -25.28 15.57 30.96
C ALA C 35 -25.72 15.92 29.55
N ASP C 36 -25.12 16.95 28.94
CA ASP C 36 -25.40 17.28 27.55
C ASP C 36 -24.86 16.22 26.59
N LEU C 37 -23.64 15.72 26.85
CA LEU C 37 -23.09 14.62 26.07
C LEU C 37 -23.85 13.32 26.29
N MET C 38 -24.30 13.08 27.54
CA MET C 38 -25.18 11.95 27.87
C MET C 38 -26.51 12.03 27.13
N ALA C 39 -27.09 13.23 27.04
CA ALA C 39 -28.37 13.42 26.37
C ALA C 39 -28.24 13.30 24.86
N TYR C 40 -27.11 13.68 24.26
CA TYR C 40 -26.90 13.52 22.82
C TYR C 40 -26.75 12.13 22.54
N CYS C 41 -25.90 11.49 23.31
CA CYS C 41 -25.65 10.07 23.05
C CYS C 41 -26.89 9.21 23.23
N GLU C 42 -27.77 9.56 24.17
CA GLU C 42 -29.03 8.85 24.31
C GLU C 42 -30.07 9.29 23.29
N ALA C 43 -29.88 10.45 22.64
CA ALA C 43 -30.87 10.93 21.67
C ALA C 43 -30.69 10.27 20.31
N HIS C 44 -29.46 10.06 19.88
CA HIS C 44 -29.15 9.49 18.58
C HIS C 44 -28.70 8.04 18.68
N ALA C 45 -29.30 7.29 19.61
CA ALA C 45 -28.88 5.92 19.86
C ALA C 45 -29.38 4.96 18.78
N LYS C 46 -30.56 5.15 18.22
CA LYS C 46 -31.04 4.28 17.14
C LYS C 46 -30.41 4.56 15.82
N GLU C 47 -29.97 5.78 15.62
CA GLU C 47 -29.41 6.16 14.33
C GLU C 47 -27.98 5.65 14.14
N ASP C 48 -27.46 4.88 15.10
CA ASP C 48 -26.09 4.39 15.04
C ASP C 48 -26.10 2.92 14.64
N PRO C 49 -25.62 2.55 13.44
CA PRO C 49 -25.54 1.13 13.09
C PRO C 49 -24.32 0.40 13.63
N LEU C 50 -23.40 1.11 14.28
CA LEU C 50 -22.31 0.44 14.99
C LEU C 50 -22.77 -0.14 16.32
N LEU C 51 -23.69 0.55 17.00
CA LEU C 51 -24.15 0.12 18.32
C LEU C 51 -25.07 -1.10 18.23
N THR C 52 -26.01 -1.08 17.28
CA THR C 52 -26.96 -2.17 17.08
C THR C 52 -26.63 -2.88 15.77
N PRO C 53 -26.53 -4.23 15.76
CA PRO C 53 -26.16 -4.93 14.52
C PRO C 53 -27.25 -4.93 13.46
N VAL C 54 -27.03 -4.12 12.42
CA VAL C 54 -27.96 -4.02 11.30
C VAL C 54 -27.82 -5.27 10.43
N PRO C 55 -28.92 -5.95 10.09
CA PRO C 55 -28.83 -7.17 9.29
C PRO C 55 -28.50 -6.87 7.83
N ALA C 56 -28.29 -7.95 7.07
CA ALA C 56 -27.74 -7.89 5.72
C ALA C 56 -28.72 -7.36 4.67
N SER C 57 -30.01 -7.22 5.00
CA SER C 57 -30.95 -6.60 4.07
C SER C 57 -30.70 -5.10 3.96
N GLU C 58 -30.29 -4.46 5.05
CA GLU C 58 -29.99 -3.03 5.05
C GLU C 58 -28.49 -2.75 5.14
N ASN C 59 -27.65 -3.78 5.23
CA ASN C 59 -26.21 -3.58 5.28
C ASN C 59 -25.64 -3.58 3.87
N PRO C 60 -25.03 -2.48 3.41
CA PRO C 60 -24.46 -2.46 2.05
C PRO C 60 -23.14 -3.19 1.93
N PHE C 61 -22.49 -3.54 3.04
CA PHE C 61 -21.22 -4.25 3.02
C PHE C 61 -21.38 -5.76 3.19
N ARG C 62 -22.60 -6.26 3.20
CA ARG C 62 -22.83 -7.70 3.27
C ARG C 62 -23.49 -8.20 1.98
N VAL D 2 -11.35 19.30 -26.11
CA VAL D 2 -11.93 18.02 -26.51
C VAL D 2 -12.52 18.14 -27.91
N GLN D 3 -12.00 17.35 -28.84
CA GLN D 3 -12.44 17.42 -30.23
C GLN D 3 -12.32 16.04 -30.87
N LEU D 4 -13.44 15.53 -31.39
CA LEU D 4 -13.48 14.27 -32.11
C LEU D 4 -13.84 14.57 -33.56
N VAL D 5 -12.90 14.32 -34.48
CA VAL D 5 -13.07 14.64 -35.89
C VAL D 5 -13.05 13.31 -36.65
N GLU D 6 -14.09 13.09 -37.46
CA GLU D 6 -14.19 11.87 -38.26
C GLU D 6 -13.76 12.14 -39.70
N SER D 7 -13.44 11.05 -40.40
CA SER D 7 -13.01 11.11 -41.79
C SER D 7 -13.35 9.79 -42.46
N GLY D 8 -12.92 9.65 -43.71
CA GLY D 8 -13.11 8.43 -44.47
C GLY D 8 -14.54 8.12 -44.88
N GLY D 9 -15.27 9.11 -45.39
CA GLY D 9 -16.61 8.91 -45.87
C GLY D 9 -16.75 9.35 -47.32
N GLY D 10 -17.84 8.88 -47.95
CA GLY D 10 -18.11 9.24 -49.33
C GLY D 10 -19.03 8.22 -49.97
N LEU D 11 -19.04 8.23 -51.30
CA LEU D 11 -19.88 7.33 -52.08
C LEU D 11 -19.24 5.95 -52.12
N VAL D 12 -20.04 4.93 -51.84
CA VAL D 12 -19.56 3.56 -51.64
C VAL D 12 -20.42 2.63 -52.51
N GLN D 13 -19.76 1.83 -53.36
CA GLN D 13 -20.46 0.82 -54.13
C GLN D 13 -20.86 -0.35 -53.22
N PRO D 14 -22.01 -0.98 -53.47
CA PRO D 14 -22.44 -2.10 -52.62
C PRO D 14 -21.58 -3.34 -52.80
N GLY D 15 -21.19 -3.94 -51.67
CA GLY D 15 -20.17 -4.97 -51.65
C GLY D 15 -18.75 -4.45 -51.53
N GLY D 16 -18.56 -3.14 -51.51
CA GLY D 16 -17.25 -2.54 -51.38
C GLY D 16 -16.81 -2.39 -49.94
N SER D 17 -15.72 -1.67 -49.74
CA SER D 17 -15.15 -1.49 -48.41
C SER D 17 -14.43 -0.15 -48.33
N ARG D 18 -14.69 0.59 -47.26
CA ARG D 18 -13.99 1.85 -46.99
C ARG D 18 -14.02 2.08 -45.48
N LYS D 19 -12.86 2.33 -44.90
CA LYS D 19 -12.69 2.34 -43.45
C LYS D 19 -12.87 3.74 -42.89
N LEU D 20 -13.74 3.87 -41.88
CA LEU D 20 -13.89 5.14 -41.16
C LEU D 20 -12.73 5.33 -40.19
N SER D 21 -12.44 6.59 -39.88
CA SER D 21 -11.39 6.95 -38.95
C SER D 21 -11.82 8.16 -38.15
N CYS D 22 -11.84 8.02 -36.82
CA CYS D 22 -12.13 9.13 -35.91
C CYS D 22 -10.85 9.54 -35.19
N SER D 23 -10.48 10.80 -35.29
CA SER D 23 -9.28 11.31 -34.64
C SER D 23 -9.66 11.99 -33.33
N ALA D 24 -8.94 11.65 -32.26
CA ALA D 24 -9.21 12.18 -30.94
C ALA D 24 -8.19 13.25 -30.57
N SER D 25 -8.68 14.34 -29.97
CA SER D 25 -7.81 15.43 -29.55
C SER D 25 -8.42 16.10 -28.33
N GLY D 26 -7.56 16.71 -27.52
CA GLY D 26 -7.99 17.47 -26.36
C GLY D 26 -8.22 16.66 -25.10
N PHE D 27 -8.05 15.34 -25.14
CA PHE D 27 -8.27 14.50 -23.97
C PHE D 27 -7.39 13.25 -24.09
N ALA D 28 -7.21 12.58 -22.96
CA ALA D 28 -6.44 11.35 -22.89
C ALA D 28 -7.29 10.22 -23.47
N PHE D 29 -6.89 9.72 -24.64
CA PHE D 29 -7.73 8.79 -25.40
C PHE D 29 -7.74 7.39 -24.79
N SER D 30 -6.66 7.00 -24.12
CA SER D 30 -6.47 5.62 -23.67
C SER D 30 -7.31 5.23 -22.46
N SER D 31 -7.95 6.17 -21.78
CA SER D 31 -8.76 5.87 -20.61
C SER D 31 -10.25 6.02 -20.86
N PHE D 32 -10.66 6.22 -22.11
CA PHE D 32 -12.07 6.45 -22.46
C PHE D 32 -12.57 5.31 -23.35
N GLY D 33 -13.74 4.77 -23.01
CA GLY D 33 -14.39 3.84 -23.90
C GLY D 33 -14.99 4.55 -25.10
N MET D 34 -15.02 3.87 -26.23
CA MET D 34 -15.42 4.48 -27.49
C MET D 34 -16.57 3.71 -28.14
N HIS D 35 -17.48 4.47 -28.76
CA HIS D 35 -18.62 3.91 -29.46
C HIS D 35 -18.71 4.49 -30.86
N TRP D 36 -19.38 3.75 -31.74
CA TRP D 36 -19.85 4.28 -33.02
C TRP D 36 -21.37 4.17 -33.03
N VAL D 37 -22.04 5.29 -33.19
CA VAL D 37 -23.51 5.36 -33.20
C VAL D 37 -23.91 6.05 -34.50
N ARG D 38 -24.68 5.35 -35.33
CA ARG D 38 -25.06 5.87 -36.63
C ARG D 38 -26.51 6.36 -36.63
N GLN D 39 -26.82 7.23 -37.59
CA GLN D 39 -28.15 7.80 -37.73
C GLN D 39 -28.57 7.77 -39.19
N ALA D 40 -29.75 7.23 -39.45
CA ALA D 40 -30.33 7.22 -40.79
C ALA D 40 -30.72 8.63 -41.21
N PRO D 41 -30.76 8.91 -42.52
CA PRO D 41 -31.22 10.24 -42.98
C PRO D 41 -32.70 10.53 -42.73
N GLU D 42 -33.53 9.50 -42.53
CA GLU D 42 -34.94 9.72 -42.20
C GLU D 42 -35.35 9.17 -40.84
N LYS D 43 -34.58 8.24 -40.27
CA LYS D 43 -34.91 7.63 -38.99
C LYS D 43 -33.94 8.10 -37.92
N GLY D 44 -34.07 7.53 -36.73
CA GLY D 44 -33.31 7.95 -35.57
C GLY D 44 -31.97 7.24 -35.43
N LEU D 45 -31.36 7.43 -34.27
CA LEU D 45 -30.04 6.89 -33.98
C LEU D 45 -30.11 5.40 -33.67
N GLU D 46 -29.00 4.69 -33.91
CA GLU D 46 -28.84 3.31 -33.49
C GLU D 46 -27.36 3.03 -33.26
N TRP D 47 -27.11 2.04 -32.40
CA TRP D 47 -25.75 1.74 -31.93
C TRP D 47 -25.13 0.63 -32.78
N VAL D 48 -23.83 0.76 -33.05
CA VAL D 48 -23.11 -0.18 -33.90
C VAL D 48 -22.12 -1.03 -33.11
N ALA D 49 -21.10 -0.41 -32.51
CA ALA D 49 -20.01 -1.18 -31.91
C ALA D 49 -19.38 -0.38 -30.78
N TYR D 50 -18.58 -1.09 -29.98
CA TYR D 50 -17.99 -0.52 -28.77
C TYR D 50 -16.75 -1.31 -28.37
N ILE D 51 -15.68 -0.58 -28.04
CA ILE D 51 -14.48 -1.15 -27.40
C ILE D 51 -14.29 -0.41 -26.07
N SER D 52 -14.06 -1.17 -25.00
CA SER D 52 -13.69 -0.62 -23.70
C SER D 52 -12.25 -0.07 -23.71
N SER D 53 -11.85 0.49 -22.58
CA SER D 53 -10.51 1.05 -22.44
C SER D 53 -9.48 -0.07 -22.29
N GLY D 54 -8.37 0.05 -23.02
CA GLY D 54 -7.35 -0.97 -23.01
C GLY D 54 -7.58 -2.15 -23.91
N SER D 55 -8.58 -2.05 -24.82
CA SER D 55 -8.97 -3.07 -25.81
C SER D 55 -9.35 -4.41 -25.17
N GLY D 56 -10.08 -4.33 -24.07
CA GLY D 56 -10.46 -5.53 -23.35
C GLY D 56 -11.62 -6.29 -23.97
N THR D 57 -12.79 -5.66 -24.04
CA THR D 57 -13.99 -6.29 -24.57
C THR D 57 -14.50 -5.52 -25.79
N ILE D 58 -15.12 -6.25 -26.70
CA ILE D 58 -15.65 -5.69 -27.95
C ILE D 58 -17.07 -6.22 -28.12
N TYR D 59 -18.04 -5.31 -28.24
CA TYR D 59 -19.43 -5.68 -28.44
C TYR D 59 -19.93 -5.17 -29.78
N TYR D 60 -20.93 -5.86 -30.32
CA TYR D 60 -21.55 -5.49 -31.58
C TYR D 60 -23.06 -5.59 -31.44
N ALA D 61 -23.77 -5.15 -32.49
CA ALA D 61 -25.22 -5.28 -32.54
C ALA D 61 -25.60 -6.53 -33.33
N ASP D 62 -26.92 -6.74 -33.49
CA ASP D 62 -27.41 -7.94 -34.14
C ASP D 62 -27.25 -7.88 -35.66
N THR D 63 -27.47 -6.71 -36.26
CA THR D 63 -27.29 -6.51 -37.69
C THR D 63 -25.93 -5.94 -38.04
N VAL D 64 -24.95 -6.14 -37.16
CA VAL D 64 -23.65 -5.47 -37.26
C VAL D 64 -22.56 -6.54 -37.29
N LYS D 65 -22.68 -7.54 -36.42
CA LYS D 65 -21.64 -8.54 -36.22
C LYS D 65 -21.55 -9.52 -37.40
N GLY D 66 -20.35 -10.05 -37.61
CA GLY D 66 -20.04 -10.88 -38.74
C GLY D 66 -19.54 -10.13 -39.96
N ARG D 67 -19.72 -8.81 -40.00
CA ARG D 67 -19.32 -7.96 -41.12
C ARG D 67 -18.28 -6.92 -40.74
N PHE D 68 -18.43 -6.29 -39.59
CA PHE D 68 -17.60 -5.14 -39.24
C PHE D 68 -16.43 -5.57 -38.36
N THR D 69 -15.47 -4.66 -38.21
CA THR D 69 -14.35 -4.84 -37.29
C THR D 69 -13.96 -3.46 -36.79
N ILE D 70 -13.97 -3.28 -35.49
CA ILE D 70 -13.68 -1.99 -34.85
C ILE D 70 -12.32 -2.13 -34.18
N SER D 71 -11.46 -1.13 -34.33
CA SER D 71 -10.12 -1.18 -33.75
C SER D 71 -9.72 0.21 -33.26
N ARG D 72 -8.76 0.23 -32.34
CA ARG D 72 -8.25 1.44 -31.74
C ARG D 72 -6.75 1.58 -32.02
N ASP D 73 -6.22 2.76 -31.70
CA ASP D 73 -4.79 3.00 -31.78
C ASP D 73 -4.45 4.03 -30.68
N ASP D 74 -4.06 3.53 -29.52
CA ASP D 74 -3.81 4.36 -28.33
C ASP D 74 -2.59 5.29 -28.37
N PRO D 75 -1.44 4.98 -29.01
CA PRO D 75 -0.45 6.06 -29.20
C PRO D 75 -0.86 7.09 -30.25
N LYS D 76 -1.53 6.67 -31.32
CA LYS D 76 -1.88 7.60 -32.39
C LYS D 76 -3.18 8.34 -32.15
N ASN D 77 -3.94 7.95 -31.10
CA ASN D 77 -5.22 8.54 -30.67
C ASN D 77 -6.26 8.55 -31.77
N THR D 78 -6.43 7.41 -32.43
CA THR D 78 -7.29 7.31 -33.61
C THR D 78 -8.17 6.08 -33.51
N LEU D 79 -9.48 6.28 -33.68
CA LEU D 79 -10.40 5.17 -33.81
C LEU D 79 -10.43 4.66 -35.26
N PHE D 80 -10.82 3.40 -35.41
CA PHE D 80 -10.98 2.77 -36.71
C PHE D 80 -12.23 1.92 -36.71
N LEU D 81 -12.79 1.71 -37.90
CA LEU D 81 -13.96 0.86 -38.08
C LEU D 81 -13.89 0.28 -39.49
N GLN D 82 -13.55 -1.00 -39.61
CA GLN D 82 -13.54 -1.68 -40.89
C GLN D 82 -14.98 -1.96 -41.32
N MET D 83 -15.29 -1.65 -42.57
CA MET D 83 -16.67 -1.64 -43.05
C MET D 83 -16.74 -2.54 -44.28
N THR D 84 -17.05 -3.82 -44.07
CA THR D 84 -17.09 -4.79 -45.15
C THR D 84 -18.51 -5.33 -45.33
N SER D 85 -18.81 -5.71 -46.59
CA SER D 85 -20.13 -6.14 -47.09
C SER D 85 -21.21 -5.10 -46.79
N LEU D 86 -20.98 -3.90 -47.31
CA LEU D 86 -21.88 -2.77 -47.04
C LEU D 86 -23.11 -2.87 -47.92
N ARG D 87 -24.28 -2.77 -47.29
CA ARG D 87 -25.56 -2.95 -47.94
C ARG D 87 -26.26 -1.61 -48.11
N SER D 88 -27.46 -1.66 -48.72
CA SER D 88 -28.23 -0.45 -48.99
C SER D 88 -28.90 0.12 -47.75
N GLU D 89 -29.02 -0.66 -46.67
CA GLU D 89 -29.54 -0.16 -45.40
C GLU D 89 -28.47 0.48 -44.53
N ASP D 90 -27.23 0.55 -45.01
CA ASP D 90 -26.11 1.04 -44.24
C ASP D 90 -25.76 2.50 -44.53
N THR D 91 -26.58 3.19 -45.32
CA THR D 91 -26.37 4.61 -45.58
C THR D 91 -26.76 5.42 -44.36
N ALA D 92 -25.77 5.98 -43.68
CA ALA D 92 -26.00 6.64 -42.39
C ALA D 92 -24.90 7.65 -42.14
N MET D 93 -25.08 8.44 -41.09
CA MET D 93 -24.10 9.39 -40.61
C MET D 93 -23.50 8.85 -39.31
N TYR D 94 -22.21 8.60 -39.32
CA TYR D 94 -21.55 7.82 -38.27
C TYR D 94 -20.86 8.75 -37.28
N TYR D 95 -21.24 8.66 -36.01
CA TYR D 95 -20.72 9.52 -34.97
C TYR D 95 -19.68 8.79 -34.14
N CYS D 96 -18.61 9.51 -33.78
CA CYS D 96 -17.55 8.98 -32.92
C CYS D 96 -17.85 9.46 -31.50
N VAL D 97 -18.12 8.50 -30.60
CA VAL D 97 -18.72 8.77 -29.31
C VAL D 97 -17.72 8.43 -28.21
N ARG D 98 -17.55 9.34 -27.25
CA ARG D 98 -16.59 9.21 -26.16
C ARG D 98 -17.33 8.97 -24.84
N SER D 99 -16.89 7.95 -24.09
CA SER D 99 -17.54 7.61 -22.83
C SER D 99 -16.53 7.05 -21.84
N ILE D 100 -16.87 7.13 -20.55
CA ILE D 100 -16.05 6.58 -19.48
C ILE D 100 -16.99 5.83 -18.53
N TYR D 101 -16.45 4.83 -17.83
CA TYR D 101 -17.25 4.00 -16.93
C TYR D 101 -16.51 3.81 -15.61
N TYR D 102 -16.90 4.60 -14.60
CA TYR D 102 -16.63 4.27 -13.20
C TYR D 102 -17.90 4.63 -12.43
N TYR D 103 -17.82 4.62 -11.10
CA TYR D 103 -19.00 4.93 -10.31
C TYR D 103 -19.13 6.45 -10.27
N GLY D 104 -20.31 6.96 -10.59
CA GLY D 104 -20.54 8.39 -10.64
C GLY D 104 -19.97 9.06 -11.86
N SER D 105 -19.62 8.31 -12.89
CA SER D 105 -19.08 8.87 -14.12
C SER D 105 -20.21 9.42 -15.00
N SER D 106 -19.82 10.09 -16.07
CA SER D 106 -20.75 10.64 -17.05
C SER D 106 -20.38 10.09 -18.42
N PRO D 107 -20.90 8.91 -18.78
CA PRO D 107 -20.66 8.39 -20.14
C PRO D 107 -21.49 9.13 -21.17
N PHE D 108 -21.07 8.98 -22.43
CA PHE D 108 -21.68 9.56 -23.64
C PHE D 108 -21.74 11.08 -23.59
N ASP D 109 -20.75 11.71 -22.96
CA ASP D 109 -20.78 13.15 -22.74
C ASP D 109 -20.39 13.93 -23.99
N PHE D 110 -19.51 13.40 -24.82
CA PHE D 110 -19.07 14.07 -26.03
C PHE D 110 -19.39 13.23 -27.24
N TRP D 111 -19.80 13.92 -28.32
CA TRP D 111 -20.15 13.28 -29.59
C TRP D 111 -19.35 13.93 -30.71
N GLY D 112 -19.07 13.15 -31.74
CA GLY D 112 -18.38 13.68 -32.90
C GLY D 112 -19.30 14.47 -33.81
N GLN D 113 -18.69 15.10 -34.81
CA GLN D 113 -19.46 15.86 -35.79
C GLN D 113 -20.18 14.93 -36.77
N GLY D 114 -19.52 13.86 -37.18
CA GLY D 114 -20.14 12.86 -38.03
C GLY D 114 -19.63 12.93 -39.46
N THR D 115 -19.46 11.77 -40.07
CA THR D 115 -19.10 11.67 -41.48
C THR D 115 -20.23 10.96 -42.22
N THR D 116 -20.39 11.30 -43.49
CA THR D 116 -21.48 10.79 -44.31
C THR D 116 -20.94 9.73 -45.26
N LEU D 117 -21.42 8.51 -45.10
CA LEU D 117 -21.11 7.41 -46.02
C LEU D 117 -22.40 7.03 -46.75
N THR D 118 -22.37 7.13 -48.07
CA THR D 118 -23.54 6.89 -48.91
C THR D 118 -23.32 5.63 -49.73
N VAL D 119 -24.27 4.70 -49.66
CA VAL D 119 -24.24 3.48 -50.45
C VAL D 119 -25.22 3.66 -51.61
N SER D 120 -24.71 3.51 -52.83
CA SER D 120 -25.51 3.75 -54.04
C SER D 120 -26.31 2.50 -54.39
N SER D 121 -26.93 2.52 -55.57
CA SER D 121 -27.75 1.42 -56.04
C SER D 121 -27.01 0.70 -57.17
N GLY D 122 -26.78 -0.60 -56.99
CA GLY D 122 -26.10 -1.41 -57.98
C GLY D 122 -24.58 -1.36 -57.86
N SER D 136 -34.17 -11.21 -24.32
CA SER D 136 -34.10 -11.00 -25.76
C SER D 136 -33.54 -9.62 -26.09
N ASP D 137 -34.43 -8.65 -26.28
CA ASP D 137 -34.04 -7.29 -26.58
C ASP D 137 -35.08 -6.33 -26.03
N ILE D 138 -34.65 -5.11 -25.74
CA ILE D 138 -35.51 -4.08 -25.17
C ILE D 138 -35.83 -3.07 -26.26
N VAL D 139 -37.12 -2.89 -26.54
CA VAL D 139 -37.59 -1.84 -27.44
C VAL D 139 -37.93 -0.62 -26.59
N MET D 140 -37.71 0.56 -27.16
CA MET D 140 -37.99 1.82 -26.49
C MET D 140 -39.04 2.57 -27.29
N THR D 141 -40.22 2.78 -26.69
CA THR D 141 -41.36 3.35 -27.38
C THR D 141 -41.53 4.80 -26.94
N GLN D 142 -41.10 5.72 -27.80
CA GLN D 142 -41.40 7.13 -27.62
C GLN D 142 -42.65 7.46 -28.43
N ALA D 143 -43.72 7.87 -27.74
CA ALA D 143 -45.04 7.96 -28.35
C ALA D 143 -45.18 9.19 -29.24
N THR D 144 -44.92 10.36 -28.69
CA THR D 144 -45.04 11.60 -29.46
C THR D 144 -43.85 11.77 -30.39
N SER D 145 -44.14 12.02 -31.67
CA SER D 145 -43.09 12.23 -32.65
C SER D 145 -42.88 13.71 -32.95
N SER D 146 -43.94 14.50 -32.91
CA SER D 146 -43.86 15.94 -33.12
C SER D 146 -44.72 16.65 -32.09
N VAL D 147 -44.13 17.57 -31.34
CA VAL D 147 -44.80 18.32 -30.30
C VAL D 147 -44.65 19.80 -30.62
N PRO D 148 -45.75 20.54 -30.84
CA PRO D 148 -45.63 21.98 -31.11
C PRO D 148 -45.51 22.90 -29.89
N VAL D 149 -44.29 23.37 -29.65
CA VAL D 149 -43.95 24.04 -28.42
C VAL D 149 -43.94 25.56 -28.63
N THR D 150 -43.90 26.30 -27.53
CA THR D 150 -43.80 27.75 -27.49
C THR D 150 -42.72 28.03 -26.44
N PRO D 151 -41.90 29.09 -26.63
CA PRO D 151 -40.94 29.47 -25.58
C PRO D 151 -41.60 29.94 -24.28
N GLY D 152 -41.42 29.14 -23.22
CA GLY D 152 -42.03 29.40 -21.93
C GLY D 152 -43.19 28.49 -21.58
N GLU D 153 -43.47 27.47 -22.40
CA GLU D 153 -44.64 26.63 -22.17
C GLU D 153 -44.35 25.48 -21.20
N SER D 154 -43.07 25.13 -21.00
CA SER D 154 -42.56 24.10 -20.08
C SER D 154 -43.14 22.72 -20.40
N VAL D 155 -42.78 22.24 -21.59
CA VAL D 155 -43.30 20.96 -22.09
C VAL D 155 -42.51 19.81 -21.48
N SER D 156 -43.23 18.80 -21.00
CA SER D 156 -42.63 17.58 -20.49
C SER D 156 -42.95 16.42 -21.42
N ILE D 157 -41.91 15.69 -21.83
CA ILE D 157 -42.04 14.58 -22.77
C ILE D 157 -41.68 13.27 -22.07
N SER D 158 -42.26 12.18 -22.54
CA SER D 158 -42.17 10.89 -21.86
C SER D 158 -41.72 9.80 -22.83
N CYS D 159 -41.33 8.66 -22.23
CA CYS D 159 -40.82 7.50 -22.94
C CYS D 159 -41.14 6.22 -22.17
N ARG D 160 -41.09 5.05 -22.77
CA ARG D 160 -41.45 3.79 -22.15
C ARG D 160 -40.42 2.73 -22.52
N SER D 161 -40.32 1.70 -21.68
CA SER D 161 -39.40 0.60 -21.90
C SER D 161 -40.14 -0.73 -21.76
N SER D 162 -39.59 -1.77 -22.37
CA SER D 162 -40.23 -3.08 -22.38
C SER D 162 -40.11 -3.80 -21.05
N LYS D 163 -39.05 -3.54 -20.28
CA LYS D 163 -38.88 -4.15 -18.97
C LYS D 163 -38.26 -3.12 -18.04
N SER D 164 -38.25 -3.44 -16.74
CA SER D 164 -37.81 -2.52 -15.71
C SER D 164 -36.30 -2.36 -15.76
N LEU D 165 -35.84 -1.13 -15.99
CA LEU D 165 -34.42 -0.80 -16.11
C LEU D 165 -33.72 -0.62 -14.78
N LEU D 166 -34.45 -0.68 -13.67
CA LEU D 166 -33.87 -0.49 -12.34
C LEU D 166 -33.12 -1.75 -11.94
N HIS D 167 -31.81 -1.65 -11.76
CA HIS D 167 -30.97 -2.79 -11.45
C HIS D 167 -31.05 -3.10 -9.95
N SER D 168 -30.36 -4.17 -9.55
CA SER D 168 -30.40 -4.64 -8.16
C SER D 168 -29.56 -3.76 -7.22
N ASN D 169 -28.66 -2.95 -7.75
CA ASN D 169 -27.84 -2.07 -6.93
C ASN D 169 -28.48 -0.70 -6.70
N GLY D 170 -29.71 -0.49 -7.15
CA GLY D 170 -30.38 0.78 -6.99
C GLY D 170 -30.12 1.79 -8.08
N ASN D 171 -29.43 1.41 -9.14
CA ASN D 171 -29.11 2.29 -10.26
C ASN D 171 -29.99 1.95 -11.46
N THR D 172 -30.71 2.94 -11.96
CA THR D 172 -31.48 2.80 -13.19
C THR D 172 -30.70 3.44 -14.33
N TYR D 173 -30.93 2.97 -15.55
CA TYR D 173 -30.05 3.27 -16.68
C TYR D 173 -30.86 3.91 -17.80
N LEU D 174 -30.90 5.25 -17.82
CA LEU D 174 -31.56 5.96 -18.90
C LEU D 174 -30.81 7.25 -19.20
N TYR D 175 -30.55 7.49 -20.48
CA TYR D 175 -29.80 8.65 -20.93
C TYR D 175 -30.69 9.52 -21.80
N TRP D 176 -30.45 10.83 -21.80
CA TRP D 176 -31.24 11.76 -22.59
C TRP D 176 -30.33 12.58 -23.50
N PHE D 177 -30.84 12.91 -24.68
CA PHE D 177 -30.07 13.61 -25.70
C PHE D 177 -30.91 14.71 -26.32
N LEU D 178 -30.23 15.72 -26.86
CA LEU D 178 -30.88 16.76 -27.65
C LEU D 178 -30.09 16.91 -28.94
N GLN D 179 -30.71 16.59 -30.07
CA GLN D 179 -30.07 16.69 -31.38
C GLN D 179 -30.60 17.94 -32.06
N ARG D 180 -29.78 18.98 -32.11
CA ARG D 180 -30.11 20.21 -32.79
C ARG D 180 -29.96 20.01 -34.31
N PRO D 181 -30.65 20.82 -35.13
CA PRO D 181 -30.45 20.74 -36.58
C PRO D 181 -29.06 21.21 -37.00
N GLY D 182 -28.27 20.27 -37.53
CA GLY D 182 -26.90 20.52 -37.90
C GLY D 182 -25.88 20.24 -36.81
N GLN D 183 -26.31 19.83 -35.63
CA GLN D 183 -25.41 19.57 -34.50
C GLN D 183 -25.56 18.13 -34.03
N SER D 184 -24.60 17.71 -33.20
CA SER D 184 -24.53 16.38 -32.62
C SER D 184 -25.53 16.23 -31.48
N PRO D 185 -26.01 15.00 -31.21
CA PRO D 185 -26.90 14.80 -30.05
C PRO D 185 -26.18 14.85 -28.72
N GLN D 186 -26.05 16.06 -28.17
CA GLN D 186 -25.36 16.29 -26.91
C GLN D 186 -26.13 15.72 -25.73
N LEU D 187 -25.40 15.20 -24.74
CA LEU D 187 -26.00 14.60 -23.56
C LEU D 187 -26.58 15.67 -22.64
N LEU D 188 -27.78 15.41 -22.12
CA LEU D 188 -28.41 16.27 -21.13
C LEU D 188 -28.45 15.63 -19.75
N ILE D 189 -29.03 14.43 -19.64
CA ILE D 189 -29.30 13.78 -18.36
C ILE D 189 -28.81 12.33 -18.46
N TYR D 190 -28.00 11.91 -17.50
CA TYR D 190 -27.52 10.53 -17.41
C TYR D 190 -28.06 9.87 -16.15
N ARG D 191 -28.46 8.60 -16.30
CA ARG D 191 -29.02 7.72 -15.25
C ARG D 191 -30.30 8.30 -14.62
N MET D 192 -31.09 9.00 -15.46
CA MET D 192 -32.46 9.52 -15.34
C MET D 192 -32.57 10.76 -14.42
N SER D 193 -31.60 10.98 -13.55
CA SER D 193 -31.71 12.04 -12.55
C SER D 193 -30.60 13.08 -12.65
N ASN D 194 -29.44 12.62 -13.06
CA ASN D 194 -28.31 13.48 -13.03
C ASN D 194 -28.21 14.39 -14.17
N LEU D 195 -27.75 15.60 -13.92
CA LEU D 195 -27.53 16.47 -15.06
C LEU D 195 -26.07 16.42 -15.50
N ALA D 196 -25.86 16.55 -16.81
CA ALA D 196 -24.52 16.54 -17.37
C ALA D 196 -23.84 17.89 -17.14
N SER D 197 -22.52 17.89 -17.31
CA SER D 197 -21.74 19.11 -17.16
C SER D 197 -21.94 20.03 -18.35
N GLY D 198 -22.15 21.32 -18.06
CA GLY D 198 -22.44 22.29 -19.09
C GLY D 198 -23.90 22.43 -19.46
N VAL D 199 -24.76 21.57 -18.93
CA VAL D 199 -26.20 21.62 -19.19
C VAL D 199 -26.84 22.50 -18.13
N PRO D 200 -27.63 23.52 -18.52
CA PRO D 200 -28.29 24.36 -17.51
C PRO D 200 -29.43 23.62 -16.82
N ASP D 201 -29.84 24.17 -15.68
CA ASP D 201 -30.81 23.51 -14.79
C ASP D 201 -32.25 23.82 -15.20
N ARG D 202 -32.60 23.35 -16.40
CA ARG D 202 -33.97 23.38 -16.89
C ARG D 202 -34.55 22.00 -17.17
N PHE D 203 -33.71 20.99 -17.35
CA PHE D 203 -34.15 19.63 -17.61
C PHE D 203 -34.09 18.83 -16.33
N SER D 204 -35.12 18.04 -16.13
CA SER D 204 -35.16 17.17 -15.01
C SER D 204 -35.83 15.96 -15.51
N GLY D 205 -35.42 14.82 -15.05
CA GLY D 205 -36.07 13.55 -15.36
C GLY D 205 -36.40 12.75 -14.12
N SER D 206 -37.48 11.98 -14.21
CA SER D 206 -37.95 11.13 -13.12
C SER D 206 -38.75 9.98 -13.72
N GLY D 207 -39.20 9.09 -12.85
CA GLY D 207 -40.03 7.98 -13.29
C GLY D 207 -39.72 6.67 -12.61
N SER D 208 -40.50 5.63 -12.92
CA SER D 208 -40.29 4.30 -12.39
C SER D 208 -39.32 3.53 -13.28
N GLY D 209 -39.23 2.21 -13.09
CA GLY D 209 -38.34 1.40 -13.90
C GLY D 209 -38.83 1.17 -15.31
N THR D 210 -40.12 1.32 -15.57
CA THR D 210 -40.69 1.15 -16.89
C THR D 210 -41.02 2.47 -17.57
N ALA D 211 -41.80 3.32 -16.91
CA ALA D 211 -42.18 4.61 -17.47
C ALA D 211 -41.19 5.68 -17.05
N PHE D 212 -40.87 6.58 -17.99
CA PHE D 212 -39.94 7.67 -17.76
C PHE D 212 -40.53 8.95 -18.32
N THR D 213 -40.13 10.08 -17.74
CA THR D 213 -40.56 11.40 -18.19
C THR D 213 -39.38 12.36 -18.12
N LEU D 214 -39.20 13.15 -19.17
CA LEU D 214 -38.22 14.23 -19.17
C LEU D 214 -38.98 15.56 -19.15
N THR D 215 -38.78 16.34 -18.10
CA THR D 215 -39.51 17.58 -17.89
C THR D 215 -38.58 18.76 -18.14
N ILE D 216 -38.97 19.63 -19.08
CA ILE D 216 -38.29 20.88 -19.34
C ILE D 216 -39.11 22.00 -18.70
N SER D 217 -38.43 22.97 -18.11
CA SER D 217 -39.08 24.14 -17.53
C SER D 217 -38.41 25.40 -18.05
N ARG D 218 -39.26 26.37 -18.46
CA ARG D 218 -38.89 27.68 -19.03
C ARG D 218 -38.00 27.52 -20.26
N LEU D 219 -38.62 26.94 -21.30
CA LEU D 219 -37.91 26.67 -22.54
C LEU D 219 -37.52 27.88 -23.34
N GLU D 220 -36.32 27.86 -23.88
CA GLU D 220 -35.83 28.95 -24.71
C GLU D 220 -35.86 28.51 -26.18
N ALA D 221 -35.28 29.34 -27.05
CA ALA D 221 -35.24 29.04 -28.48
C ALA D 221 -34.10 28.10 -28.86
N GLU D 222 -33.21 27.76 -27.92
CA GLU D 222 -32.12 26.83 -28.19
C GLU D 222 -32.43 25.39 -27.82
N ASP D 223 -33.66 25.11 -27.37
CA ASP D 223 -34.04 23.78 -26.93
C ASP D 223 -34.82 23.02 -27.98
N VAL D 224 -34.89 23.51 -29.21
CA VAL D 224 -35.61 22.83 -30.27
C VAL D 224 -34.74 21.72 -30.84
N GLY D 225 -35.36 20.59 -31.16
CA GLY D 225 -34.64 19.46 -31.69
C GLY D 225 -35.36 18.16 -31.37
N VAL D 226 -34.66 17.06 -31.60
CA VAL D 226 -35.18 15.72 -31.42
C VAL D 226 -34.57 15.12 -30.16
N TYR D 227 -35.40 14.49 -29.34
CA TYR D 227 -34.97 13.94 -28.06
C TYR D 227 -34.97 12.42 -28.13
N TYR D 228 -33.92 11.81 -27.56
CA TYR D 228 -33.69 10.38 -27.68
C TYR D 228 -33.38 9.77 -26.32
N CYS D 229 -33.54 8.46 -26.24
CA CYS D 229 -33.23 7.68 -25.04
C CYS D 229 -32.10 6.70 -25.33
N MET D 230 -31.66 6.00 -24.27
CA MET D 230 -30.74 4.88 -24.35
C MET D 230 -30.84 4.11 -23.03
N GLN D 231 -30.87 2.77 -23.12
CA GLN D 231 -30.77 1.91 -21.95
C GLN D 231 -29.39 1.26 -21.85
N HIS D 232 -28.92 1.09 -20.62
CA HIS D 232 -27.77 0.25 -20.28
C HIS D 232 -28.14 -0.84 -19.27
N LEU D 233 -29.28 -1.49 -19.45
CA LEU D 233 -29.54 -2.71 -18.70
C LEU D 233 -28.65 -3.84 -19.18
N GLU D 234 -28.57 -4.03 -20.50
CA GLU D 234 -27.65 -4.96 -21.14
C GLU D 234 -27.41 -4.47 -22.56
N TYR D 235 -26.61 -5.22 -23.31
CA TYR D 235 -26.28 -5.05 -24.71
C TYR D 235 -27.21 -5.90 -25.58
N PRO D 236 -27.63 -5.46 -26.79
CA PRO D 236 -27.29 -4.24 -27.54
C PRO D 236 -28.02 -2.97 -27.08
N LEU D 237 -27.50 -1.82 -27.47
CA LEU D 237 -28.02 -0.52 -27.05
C LEU D 237 -29.06 -0.04 -28.06
N THR D 238 -30.29 0.14 -27.60
CA THR D 238 -31.39 0.61 -28.42
C THR D 238 -31.76 2.03 -28.02
N PHE D 239 -32.13 2.86 -29.01
CA PHE D 239 -32.32 4.28 -28.79
C PHE D 239 -33.78 4.69 -28.68
N GLY D 240 -34.58 4.40 -29.69
CA GLY D 240 -35.97 4.80 -29.72
C GLY D 240 -36.30 5.61 -30.96
N ALA D 241 -37.55 6.11 -30.98
CA ALA D 241 -38.06 6.80 -32.16
C ALA D 241 -37.56 8.23 -32.24
N GLY D 242 -37.93 9.07 -31.27
CA GLY D 242 -37.55 10.47 -31.30
C GLY D 242 -38.73 11.40 -31.19
N THR D 243 -38.59 12.46 -30.38
CA THR D 243 -39.65 13.44 -30.16
C THR D 243 -39.14 14.80 -30.61
N LYS D 244 -39.71 15.32 -31.70
CA LYS D 244 -39.29 16.59 -32.28
C LYS D 244 -40.09 17.74 -31.68
N LEU D 245 -39.39 18.78 -31.24
CA LEU D 245 -40.02 19.98 -30.71
C LEU D 245 -40.00 21.07 -31.77
N GLU D 246 -41.18 21.61 -32.09
CA GLU D 246 -41.32 22.62 -33.13
C GLU D 246 -41.94 23.88 -32.53
N LEU D 247 -41.46 25.03 -32.99
CA LEU D 247 -41.94 26.32 -32.50
C LEU D 247 -43.33 26.65 -33.05
N GLU E 8 -22.61 -1.97 -17.23
CA GLU E 8 -21.90 -0.74 -16.88
C GLU E 8 -20.97 -0.96 -15.69
N ASP E 9 -21.35 -1.89 -14.81
CA ASP E 9 -20.49 -2.23 -13.68
C ASP E 9 -19.29 -3.06 -14.11
N LYS E 10 -19.45 -3.84 -15.19
CA LYS E 10 -18.38 -4.71 -15.68
C LYS E 10 -17.22 -3.92 -16.28
N ALA E 11 -17.51 -2.78 -16.90
CA ALA E 11 -16.45 -1.93 -17.42
C ALA E 11 -15.72 -1.20 -16.30
N ALA E 12 -16.41 -0.92 -15.19
CA ALA E 12 -15.75 -0.37 -14.01
C ALA E 12 -14.86 -1.41 -13.33
N VAL E 13 -15.31 -2.67 -13.34
CA VAL E 13 -14.51 -3.80 -12.84
C VAL E 13 -13.27 -3.99 -13.71
N GLU E 14 -13.43 -3.88 -15.04
CA GLU E 14 -12.32 -3.97 -15.98
C GLU E 14 -11.33 -2.79 -15.85
N ARG E 15 -11.85 -1.59 -15.56
CA ARG E 15 -11.01 -0.44 -15.25
C ARG E 15 -10.22 -0.65 -13.95
N SER E 16 -10.85 -1.30 -12.96
CA SER E 16 -10.15 -1.67 -11.72
C SER E 16 -9.08 -2.74 -11.98
N LYS E 17 -9.27 -3.55 -13.00
CA LYS E 17 -8.31 -4.57 -13.31
C LYS E 17 -7.17 -3.96 -14.05
N MET E 18 -7.40 -2.94 -14.84
CA MET E 18 -6.33 -2.19 -15.49
C MET E 18 -5.51 -1.37 -14.50
N ILE E 19 -6.17 -0.81 -13.48
CA ILE E 19 -5.49 -0.05 -12.43
C ILE E 19 -4.65 -0.97 -11.55
N GLU E 20 -5.16 -2.18 -11.24
CA GLU E 20 -4.35 -3.15 -10.50
C GLU E 20 -3.20 -3.73 -11.32
N LYS E 21 -3.34 -3.85 -12.65
CA LYS E 21 -2.20 -4.28 -13.45
C LYS E 21 -1.17 -3.16 -13.62
N GLN E 22 -1.61 -1.90 -13.54
CA GLN E 22 -0.70 -0.76 -13.55
C GLN E 22 0.07 -0.71 -12.22
N LEU E 23 -0.63 -1.02 -11.12
CA LEU E 23 -0.03 -1.09 -9.80
C LEU E 23 0.94 -2.26 -9.67
N GLN E 24 0.61 -3.40 -10.28
CA GLN E 24 1.54 -4.53 -10.29
C GLN E 24 2.69 -4.33 -11.27
N LYS E 25 2.55 -3.43 -12.24
CA LYS E 25 3.71 -3.01 -13.02
C LYS E 25 4.65 -2.15 -12.18
N ASP E 26 4.10 -1.21 -11.40
CA ASP E 26 4.95 -0.37 -10.55
C ASP E 26 5.42 -1.05 -9.27
N LYS E 27 4.84 -2.20 -8.90
CA LYS E 27 5.23 -2.94 -7.70
C LYS E 27 6.64 -3.51 -7.86
N GLN E 28 6.95 -4.08 -9.04
CA GLN E 28 8.29 -4.57 -9.34
C GLN E 28 9.29 -3.44 -9.52
N VAL E 29 8.83 -2.24 -9.86
CA VAL E 29 9.69 -1.06 -9.82
C VAL E 29 10.01 -0.69 -8.37
N TYR E 30 9.00 -0.79 -7.49
CA TYR E 30 9.16 -0.34 -6.11
C TYR E 30 10.04 -1.26 -5.27
N ARG E 31 9.88 -2.59 -5.37
CA ARG E 31 10.73 -3.45 -4.55
C ARG E 31 12.11 -3.69 -5.13
N ALA E 32 12.41 -3.22 -6.34
CA ALA E 32 13.76 -3.32 -6.88
C ALA E 32 14.61 -2.11 -6.57
N THR E 33 14.09 -1.14 -5.81
CA THR E 33 14.77 0.11 -5.54
C THR E 33 15.20 0.14 -4.08
N HIS E 34 16.46 0.50 -3.85
CA HIS E 34 17.00 0.62 -2.50
C HIS E 34 16.94 2.07 -2.05
N ARG E 35 16.39 2.31 -0.86
CA ARG E 35 16.12 3.64 -0.36
C ARG E 35 17.22 4.07 0.61
N LEU E 36 17.81 5.23 0.34
CA LEU E 36 18.97 5.73 1.09
C LEU E 36 18.65 7.10 1.65
N LEU E 37 18.77 7.24 2.98
CA LEU E 37 18.49 8.49 3.66
C LEU E 37 19.79 9.26 3.89
N LEU E 38 19.83 10.51 3.44
CA LEU E 38 21.00 11.35 3.56
C LEU E 38 20.81 12.32 4.73
N LEU E 39 21.74 12.31 5.67
CA LEU E 39 21.68 13.16 6.85
C LEU E 39 23.01 13.86 7.06
N GLY E 40 22.95 15.08 7.57
CA GLY E 40 24.16 15.87 7.76
C GLY E 40 23.83 17.27 8.22
N ALA E 41 24.72 18.20 7.88
CA ALA E 41 24.57 19.60 8.26
C ALA E 41 25.15 20.48 7.16
N GLY E 42 24.98 21.80 7.33
CA GLY E 42 25.53 22.74 6.38
C GLY E 42 27.04 22.89 6.45
N GLU E 43 27.64 22.59 7.60
CA GLU E 43 29.10 22.51 7.69
C GLU E 43 29.63 21.26 6.98
N SER E 44 28.83 20.20 6.94
CA SER E 44 29.23 18.96 6.29
C SER E 44 29.21 19.10 4.77
N GLY E 45 29.94 18.21 4.11
CA GLY E 45 30.07 18.29 2.67
C GLY E 45 28.93 17.65 1.91
N LYS E 46 27.99 18.47 1.46
CA LYS E 46 26.91 18.01 0.59
C LYS E 46 26.75 18.87 -0.64
N SER E 47 27.51 19.94 -0.79
CA SER E 47 27.61 20.69 -2.03
C SER E 47 28.63 20.10 -3.00
N THR E 48 29.38 19.09 -2.56
CA THR E 48 30.24 18.31 -3.45
C THR E 48 29.59 16.99 -3.84
N ILE E 49 28.60 16.53 -3.08
CA ILE E 49 27.79 15.38 -3.48
C ILE E 49 26.86 15.74 -4.64
N VAL E 50 26.47 17.02 -4.75
CA VAL E 50 25.58 17.48 -5.82
C VAL E 50 26.29 17.57 -7.16
N LYS E 51 27.63 17.54 -7.18
CA LYS E 51 28.38 17.59 -8.44
C LYS E 51 28.86 16.22 -8.88
N GLN E 52 28.99 15.26 -7.96
CA GLN E 52 29.71 14.03 -8.26
C GLN E 52 28.90 12.76 -8.10
N MET E 53 27.74 12.79 -7.44
CA MET E 53 26.88 11.62 -7.36
C MET E 53 25.48 11.86 -7.95
N ARG E 54 25.41 12.73 -8.96
CA ARG E 54 24.29 12.85 -9.92
C ARG E 54 22.97 13.28 -9.27
N ILE E 55 23.06 14.19 -8.29
CA ILE E 55 21.86 14.78 -7.70
C ILE E 55 21.19 15.73 -8.70
N LEU E 56 21.99 16.52 -9.41
CA LEU E 56 21.46 17.42 -10.42
C LEU E 56 21.04 16.64 -11.66
N HIS E 57 19.85 16.94 -12.15
CA HIS E 57 19.29 16.24 -13.31
C HIS E 57 19.50 17.04 -14.59
N SER E 184 10.59 23.18 -2.23
CA SER E 184 10.58 21.80 -1.76
C SER E 184 11.55 21.61 -0.59
N GLY E 185 11.04 21.01 0.49
CA GLY E 185 11.84 20.77 1.67
C GLY E 185 12.67 19.51 1.66
N ILE E 186 12.59 18.72 0.59
CA ILE E 186 13.37 17.50 0.46
C ILE E 186 14.04 17.51 -0.92
N PHE E 187 15.10 16.76 -1.07
CA PHE E 187 15.79 16.68 -2.33
C PHE E 187 16.04 15.24 -2.72
N GLU E 188 15.07 14.62 -3.36
CA GLU E 188 15.15 13.23 -3.80
C GLU E 188 16.06 13.10 -5.00
N THR E 189 16.67 11.93 -5.14
CA THR E 189 17.58 11.62 -6.24
C THR E 189 17.35 10.19 -6.67
N LYS E 190 16.74 10.00 -7.84
CA LYS E 190 16.53 8.69 -8.43
C LYS E 190 17.64 8.47 -9.46
N PHE E 191 18.58 7.58 -9.15
CA PHE E 191 19.74 7.37 -9.99
C PHE E 191 20.23 5.94 -9.82
N GLN E 192 21.09 5.52 -10.74
CA GLN E 192 21.49 4.12 -10.89
C GLN E 192 23.00 3.99 -10.94
N VAL E 193 23.51 2.90 -10.38
CA VAL E 193 24.86 2.42 -10.65
C VAL E 193 24.81 0.90 -10.70
N ASP E 194 25.63 0.32 -11.59
CA ASP E 194 25.82 -1.13 -11.81
C ASP E 194 24.54 -1.87 -12.19
N LYS E 195 23.63 -1.16 -12.88
CA LYS E 195 22.25 -1.56 -13.19
C LYS E 195 21.46 -1.97 -11.94
N VAL E 196 21.68 -1.25 -10.84
CA VAL E 196 20.95 -1.43 -9.58
C VAL E 196 20.26 -0.12 -9.26
N ASN E 197 18.96 -0.19 -8.98
CA ASN E 197 18.18 1.01 -8.65
C ASN E 197 18.52 1.52 -7.26
N PHE E 198 18.79 2.82 -7.18
CA PHE E 198 19.07 3.50 -5.91
C PHE E 198 18.15 4.72 -5.80
N HIS E 199 17.94 5.22 -4.59
CA HIS E 199 17.09 6.41 -4.37
C HIS E 199 17.45 7.15 -3.12
N MET E 200 18.22 8.22 -3.24
CA MET E 200 18.64 8.97 -2.09
C MET E 200 17.69 10.10 -1.74
N PHE E 201 17.50 10.40 -0.45
CA PHE E 201 16.67 11.49 -0.04
C PHE E 201 17.13 12.35 1.10
N ASP E 202 17.49 13.59 0.82
CA ASP E 202 17.94 14.51 1.85
C ASP E 202 16.90 15.46 2.35
N VAL E 203 16.57 15.39 3.63
CA VAL E 203 15.62 16.32 4.20
C VAL E 203 16.30 17.65 4.47
N GLY E 204 15.75 18.77 4.01
CA GLY E 204 16.41 20.07 4.11
C GLY E 204 16.37 20.68 5.50
N GLY E 205 16.05 21.98 5.56
CA GLY E 205 16.03 22.70 6.82
C GLY E 205 14.87 22.34 7.72
N GLN E 206 15.16 21.66 8.82
CA GLN E 206 14.16 21.20 9.77
C GLN E 206 14.50 21.74 11.16
N ARG E 207 13.75 21.27 12.16
CA ARG E 207 13.93 21.71 13.52
C ARG E 207 14.80 20.71 14.28
N ASP E 208 15.04 21.00 15.56
CA ASP E 208 15.87 20.13 16.39
C ASP E 208 15.16 18.85 16.80
N GLU E 209 13.85 18.91 17.03
CA GLU E 209 13.06 17.73 17.40
C GLU E 209 12.75 16.97 16.11
N ARG E 210 13.63 16.05 15.75
CA ARG E 210 13.53 15.29 14.51
C ARG E 210 12.82 13.95 14.71
N ARG E 211 12.11 13.77 15.82
CA ARG E 211 11.58 12.47 16.20
C ARG E 211 10.31 12.09 15.46
N LYS E 212 9.69 13.01 14.71
CA LYS E 212 8.39 12.73 14.12
C LYS E 212 8.43 12.45 12.63
N TRP E 213 9.38 13.02 11.89
CA TRP E 213 9.53 12.67 10.48
C TRP E 213 10.55 11.56 10.27
N ILE E 214 11.16 11.04 11.35
CA ILE E 214 12.06 9.91 11.26
C ILE E 214 11.31 8.59 11.27
N GLN E 215 10.02 8.59 11.59
CA GLN E 215 9.20 7.39 11.53
C GLN E 215 8.80 7.03 10.10
N CYS E 216 8.93 7.97 9.15
CA CYS E 216 8.63 7.72 7.75
C CYS E 216 9.76 6.99 7.03
N PHE E 217 10.93 6.85 7.66
CA PHE E 217 12.10 6.22 7.05
C PHE E 217 12.40 4.87 7.70
N ASN E 218 11.37 4.08 7.98
CA ASN E 218 11.57 2.74 8.53
C ASN E 218 11.91 1.72 7.45
N ASP E 219 11.54 1.98 6.20
CA ASP E 219 11.74 1.03 5.11
C ASP E 219 13.05 1.22 4.37
N VAL E 220 13.90 2.15 4.81
CA VAL E 220 15.16 2.39 4.11
C VAL E 220 16.16 1.30 4.47
N THR E 221 17.17 1.15 3.61
CA THR E 221 18.23 0.17 3.85
C THR E 221 19.45 0.77 4.52
N ALA E 222 19.63 2.09 4.44
CA ALA E 222 20.83 2.71 4.97
C ALA E 222 20.53 4.16 5.35
N ILE E 223 21.39 4.70 6.22
CA ILE E 223 21.41 6.12 6.55
C ILE E 223 22.82 6.62 6.24
N ILE E 224 22.91 7.58 5.32
CA ILE E 224 24.19 8.14 4.92
C ILE E 224 24.46 9.38 5.76
N PHE E 225 25.45 9.30 6.65
CA PHE E 225 25.80 10.36 7.57
C PHE E 225 27.08 11.03 7.08
N VAL E 226 27.02 12.34 6.87
CA VAL E 226 28.16 13.12 6.40
C VAL E 226 28.63 13.99 7.54
N VAL E 227 29.90 13.83 7.94
CA VAL E 227 30.53 14.64 8.96
C VAL E 227 31.70 15.38 8.32
N ALA E 228 31.83 16.66 8.63
CA ALA E 228 32.98 17.45 8.19
C ALA E 228 34.13 17.29 9.19
N SER E 229 35.16 18.10 9.04
CA SER E 229 36.33 18.06 9.92
C SER E 229 36.56 19.48 10.45
N SER E 230 36.02 19.76 11.63
CA SER E 230 36.25 21.03 12.32
C SER E 230 37.03 20.69 13.60
N SER E 231 38.34 20.54 13.44
CA SER E 231 39.29 20.13 14.46
C SER E 231 40.69 20.35 13.91
N TYR E 232 41.61 20.78 14.78
CA TYR E 232 42.98 21.12 14.36
C TYR E 232 42.95 22.29 13.41
N ASN E 233 42.08 23.28 13.63
CA ASN E 233 41.93 24.35 12.66
C ASN E 233 42.09 25.72 13.30
N THR E 242 28.08 25.93 20.41
CA THR E 242 29.09 24.94 20.76
C THR E 242 29.92 24.53 19.54
N ASN E 243 30.63 23.42 19.65
CA ASN E 243 31.45 22.93 18.57
C ASN E 243 30.59 22.26 17.49
N ARG E 244 31.10 22.28 16.26
CA ARG E 244 30.40 21.63 15.16
C ARG E 244 30.52 20.11 15.25
N LEU E 245 31.71 19.62 15.63
CA LEU E 245 31.93 18.18 15.76
C LEU E 245 31.19 17.61 16.95
N GLN E 246 31.04 18.38 18.03
CA GLN E 246 30.27 17.92 19.17
C GLN E 246 28.77 17.89 18.87
N GLU E 247 28.30 18.85 18.06
CA GLU E 247 26.91 18.83 17.59
C GLU E 247 26.65 17.67 16.65
N ALA E 248 27.62 17.32 15.79
CA ALA E 248 27.51 16.13 14.96
C ALA E 248 27.56 14.84 15.77
N LEU E 249 28.33 14.84 16.88
CA LEU E 249 28.40 13.67 17.75
C LEU E 249 27.10 13.46 18.53
N ASN E 250 26.49 14.54 19.03
CA ASN E 250 25.17 14.41 19.64
C ASN E 250 24.06 14.13 18.63
N LEU E 251 24.21 14.58 17.38
CA LEU E 251 23.27 14.23 16.32
C LEU E 251 23.35 12.74 15.98
N PHE E 252 24.56 12.18 15.94
CA PHE E 252 24.74 10.74 15.76
C PHE E 252 24.27 9.95 16.97
N LYS E 253 24.41 10.52 18.17
CA LYS E 253 23.90 9.90 19.40
C LYS E 253 22.37 9.84 19.40
N SER E 254 21.71 10.91 18.95
CA SER E 254 20.25 10.94 18.90
C SER E 254 19.70 10.09 17.76
N ILE E 255 20.40 10.02 16.63
CA ILE E 255 19.93 9.23 15.50
C ILE E 255 20.17 7.73 15.74
N TRP E 256 21.30 7.37 16.34
CA TRP E 256 21.69 5.97 16.54
C TRP E 256 20.82 5.29 17.60
N ASN E 257 20.46 6.02 18.67
CA ASN E 257 19.64 5.46 19.74
C ASN E 257 18.15 5.70 19.54
N ASN E 258 17.70 5.85 18.30
CA ASN E 258 16.30 6.07 18.00
C ASN E 258 15.52 4.77 18.11
N ARG E 259 14.23 4.90 18.43
CA ARG E 259 13.37 3.73 18.53
C ARG E 259 12.99 3.20 17.15
N TRP E 260 12.68 4.09 16.21
CA TRP E 260 12.27 3.69 14.88
C TRP E 260 13.43 3.22 14.01
N LEU E 261 14.66 3.60 14.34
CA LEU E 261 15.85 3.20 13.58
C LEU E 261 16.63 2.09 14.28
N ARG E 262 15.93 1.14 14.90
CA ARG E 262 16.59 0.08 15.64
C ARG E 262 17.19 -0.99 14.73
N THR E 263 16.60 -1.22 13.56
CA THR E 263 17.07 -2.23 12.62
C THR E 263 17.78 -1.63 11.42
N ILE E 264 18.09 -0.33 11.45
CA ILE E 264 18.62 0.40 10.30
C ILE E 264 20.01 0.89 10.66
N SER E 265 21.00 0.49 9.86
CA SER E 265 22.38 0.85 10.11
C SER E 265 22.69 2.21 9.49
N VAL E 266 23.84 2.76 9.89
CA VAL E 266 24.29 4.07 9.45
C VAL E 266 25.60 3.91 8.69
N ILE E 267 25.64 4.35 7.44
CA ILE E 267 26.89 4.47 6.70
C ILE E 267 27.47 5.86 6.98
N LEU E 268 28.70 5.88 7.48
CA LEU E 268 29.31 7.10 7.99
C LEU E 268 30.35 7.61 7.00
N PHE E 269 30.18 8.85 6.55
CA PHE E 269 31.15 9.54 5.70
C PHE E 269 31.82 10.63 6.52
N LEU E 270 33.13 10.54 6.68
CA LEU E 270 33.91 11.57 7.38
C LEU E 270 34.56 12.43 6.30
N ASN E 271 33.81 13.42 5.82
CA ASN E 271 34.23 14.26 4.72
C ASN E 271 35.26 15.29 5.17
N LYS E 272 35.80 16.01 4.16
CA LYS E 272 36.80 17.08 4.28
C LYS E 272 38.08 16.61 4.95
N GLN E 273 38.68 15.57 4.37
CA GLN E 273 39.92 15.04 4.89
C GLN E 273 41.13 15.84 4.46
N ASP E 274 40.98 16.76 3.49
CA ASP E 274 42.07 17.66 3.16
C ASP E 274 42.23 18.76 4.21
N LEU E 275 41.17 19.06 4.96
CA LEU E 275 41.24 20.03 6.05
C LEU E 275 41.81 19.43 7.33
N LEU E 276 41.98 18.11 7.40
CA LEU E 276 42.65 17.45 8.51
C LEU E 276 44.15 17.29 8.28
N ALA E 277 44.67 17.84 7.19
CA ALA E 277 46.11 17.84 6.94
C ALA E 277 46.66 19.19 6.49
N GLU E 278 45.84 20.10 5.96
CA GLU E 278 46.33 21.41 5.56
C GLU E 278 46.57 22.31 6.78
N LYS E 279 45.69 22.23 7.78
CA LYS E 279 45.82 23.05 8.97
C LYS E 279 46.62 22.38 10.07
N VAL E 280 47.12 21.16 9.83
CA VAL E 280 48.01 20.51 10.79
C VAL E 280 49.37 21.20 10.81
N LEU E 281 49.88 21.56 9.63
CA LEU E 281 51.18 22.25 9.51
C LEU E 281 51.14 23.70 9.98
N ALA E 282 49.96 24.30 10.10
CA ALA E 282 49.84 25.61 10.73
C ALA E 282 50.07 25.55 12.23
N GLY E 283 49.74 24.44 12.87
CA GLY E 283 50.03 24.25 14.28
C GLY E 283 49.18 25.04 15.25
N LYS E 284 47.88 25.17 14.98
CA LYS E 284 47.00 25.86 15.93
C LYS E 284 46.66 24.98 17.13
N SER E 285 46.62 23.65 16.90
CA SER E 285 46.33 22.60 17.90
C SER E 285 44.98 22.78 18.57
N LYS E 286 43.92 22.80 17.75
CA LYS E 286 42.57 22.99 18.27
C LYS E 286 42.02 21.68 18.87
N ILE E 287 42.46 20.52 18.36
CA ILE E 287 41.94 19.24 18.83
C ILE E 287 42.49 18.86 20.21
N GLU E 288 43.58 19.49 20.66
CA GLU E 288 44.05 19.28 22.01
C GLU E 288 43.36 20.21 23.00
N ASP E 289 43.03 21.42 22.58
CA ASP E 289 42.35 22.38 23.44
C ASP E 289 40.87 22.02 23.62
N TYR E 290 40.27 21.63 22.48
CA TYR E 290 38.83 21.36 22.40
C TYR E 290 38.39 19.97 22.78
N PHE E 291 39.32 19.05 22.95
CA PHE E 291 39.03 17.67 23.32
C PHE E 291 40.06 17.19 24.31
N PRO E 292 39.67 16.78 25.52
CA PRO E 292 40.66 16.33 26.52
C PRO E 292 41.04 14.87 26.41
N GLU E 293 40.37 14.09 25.55
CA GLU E 293 40.64 12.67 25.42
C GLU E 293 41.69 12.39 24.36
N PHE E 294 42.15 13.43 23.65
CA PHE E 294 43.11 13.25 22.55
C PHE E 294 44.51 12.94 23.06
N ALA E 295 44.87 13.40 24.26
CA ALA E 295 46.21 13.17 24.80
C ALA E 295 46.42 11.73 25.25
N ARG E 296 45.35 11.01 25.61
CA ARG E 296 45.44 9.62 26.01
C ARG E 296 45.13 8.66 24.87
N TYR E 297 45.00 9.17 23.64
CA TYR E 297 44.66 8.33 22.50
C TYR E 297 45.91 8.04 21.67
N THR E 298 46.04 6.78 21.25
CA THR E 298 47.12 6.33 20.40
C THR E 298 46.54 5.78 19.10
N THR E 299 47.42 5.63 18.10
CA THR E 299 47.04 5.02 16.83
C THR E 299 46.81 3.51 17.05
N PRO E 300 45.65 2.97 16.63
CA PRO E 300 45.34 1.57 16.94
C PRO E 300 46.16 0.57 16.13
N GLU E 301 46.41 -0.58 16.77
CA GLU E 301 47.19 -1.64 16.14
C GLU E 301 46.39 -2.38 15.08
N ASP E 302 45.06 -2.42 15.21
CA ASP E 302 44.20 -3.04 14.22
C ASP E 302 43.86 -2.11 13.06
N ALA E 303 44.26 -0.85 13.13
CA ALA E 303 44.00 0.12 12.07
C ALA E 303 44.96 -0.09 10.91
N THR E 304 44.50 0.29 9.72
CA THR E 304 45.31 0.19 8.51
C THR E 304 45.58 1.59 7.97
N PRO E 305 46.70 2.22 8.32
CA PRO E 305 46.97 3.57 7.84
C PRO E 305 47.56 3.57 6.44
N GLU E 306 47.59 4.75 5.85
CA GLU E 306 48.23 4.93 4.55
C GLU E 306 49.71 5.22 4.75
N PRO E 307 50.61 4.51 4.05
CA PRO E 307 52.04 4.81 4.18
C PRO E 307 52.41 6.09 3.44
N GLY E 308 53.57 6.61 3.78
CA GLY E 308 54.02 7.90 3.26
C GLY E 308 53.22 9.07 3.77
N GLU E 309 52.85 9.07 5.04
CA GLU E 309 52.03 10.13 5.63
C GLU E 309 52.49 10.37 7.05
N ASP E 310 52.21 11.58 7.55
CA ASP E 310 52.57 11.99 8.90
C ASP E 310 51.63 11.32 9.89
N PRO E 311 52.16 10.78 11.01
CA PRO E 311 51.31 10.06 11.97
C PRO E 311 50.36 10.93 12.78
N ARG E 312 50.57 12.25 12.85
CA ARG E 312 49.62 13.13 13.52
C ARG E 312 48.35 13.28 12.71
N VAL E 313 48.45 13.20 11.37
CA VAL E 313 47.28 13.19 10.50
C VAL E 313 46.50 11.90 10.69
N THR E 314 47.20 10.78 10.89
CA THR E 314 46.57 9.49 11.17
C THR E 314 45.89 9.48 12.54
N ARG E 315 46.51 10.14 13.52
CA ARG E 315 45.88 10.33 14.85
C ARG E 315 44.65 11.22 14.76
N ALA E 316 44.70 12.27 13.94
CA ALA E 316 43.56 13.15 13.76
C ALA E 316 42.44 12.50 12.96
N LYS E 317 42.76 11.52 12.12
CA LYS E 317 41.71 10.73 11.46
C LYS E 317 41.07 9.76 12.45
N TYR E 318 41.88 8.93 13.09
CA TYR E 318 41.33 7.84 13.87
C TYR E 318 40.81 8.26 15.24
N PHE E 319 41.13 9.48 15.72
CA PHE E 319 40.49 10.00 16.93
C PHE E 319 39.01 10.26 16.72
N ILE E 320 38.66 10.89 15.60
CA ILE E 320 37.25 11.06 15.24
C ILE E 320 36.63 9.73 14.78
N ARG E 321 37.43 8.80 14.25
CA ARG E 321 36.87 7.54 13.77
C ARG E 321 36.42 6.63 14.93
N ASP E 322 37.27 6.42 15.95
CA ASP E 322 36.72 5.76 17.14
C ASP E 322 35.88 6.66 18.05
N GLU E 323 35.83 7.99 17.82
CA GLU E 323 34.91 8.86 18.59
C GLU E 323 33.55 8.55 18.09
N PHE E 324 33.43 8.43 16.78
CA PHE E 324 32.13 8.08 16.22
C PHE E 324 31.81 6.59 16.37
N LEU E 325 32.82 5.74 16.52
CA LEU E 325 32.56 4.32 16.72
C LEU E 325 32.22 3.98 18.17
N ARG E 326 32.52 4.86 19.13
CA ARG E 326 32.16 4.63 20.53
C ARG E 326 30.65 4.64 20.75
N ILE E 327 29.92 5.49 20.01
CA ILE E 327 28.47 5.52 20.10
C ILE E 327 27.86 4.26 19.47
N SER E 328 28.48 3.77 18.38
CA SER E 328 27.95 2.59 17.70
C SER E 328 28.23 1.31 18.48
N THR E 329 29.41 1.19 19.08
CA THR E 329 29.73 0.01 19.89
C THR E 329 29.34 0.17 21.36
N ALA E 330 28.78 1.32 21.75
CA ALA E 330 28.28 1.47 23.11
C ALA E 330 26.88 0.90 23.30
N SER E 331 26.20 0.51 22.22
CA SER E 331 24.85 -0.05 22.34
C SER E 331 24.92 -1.53 22.72
N GLY E 332 25.59 -2.33 21.89
CA GLY E 332 25.75 -3.74 22.17
C GLY E 332 24.61 -4.64 21.73
N ASP E 333 23.64 -4.12 20.98
CA ASP E 333 22.52 -4.94 20.52
C ASP E 333 22.92 -5.86 19.38
N GLY E 334 23.79 -5.39 18.48
CA GLY E 334 24.26 -6.19 17.37
C GLY E 334 23.32 -6.28 16.19
N ARG E 335 22.23 -5.54 16.19
CA ARG E 335 21.27 -5.59 15.09
C ARG E 335 21.64 -4.69 13.93
N HIS E 336 22.43 -3.64 14.18
CA HIS E 336 22.81 -2.69 13.15
C HIS E 336 24.16 -2.08 13.53
N TYR E 337 24.96 -1.77 12.52
CA TYR E 337 26.36 -1.43 12.71
C TYR E 337 26.67 -0.10 12.03
N CYS E 338 27.97 0.21 11.95
CA CYS E 338 28.44 1.47 11.38
C CYS E 338 29.58 1.19 10.40
N TYR E 339 29.67 2.03 9.37
CA TYR E 339 30.66 1.88 8.29
C TYR E 339 31.36 3.21 8.07
N PRO E 340 32.46 3.47 8.79
CA PRO E 340 33.18 4.73 8.59
C PRO E 340 34.02 4.73 7.32
N HIS E 341 34.13 5.93 6.71
CA HIS E 341 34.98 6.12 5.53
C HIS E 341 35.59 7.50 5.50
N PHE E 342 36.85 7.65 5.18
CA PHE E 342 37.51 8.90 5.16
C PHE E 342 37.46 9.55 3.85
N THR E 343 36.31 9.97 3.41
CA THR E 343 36.14 10.58 2.15
C THR E 343 36.61 11.97 2.12
N CYS E 344 36.82 12.53 0.95
CA CYS E 344 37.19 13.92 0.78
C CYS E 344 36.14 14.33 -0.17
N ALA E 345 35.97 15.61 -0.40
CA ALA E 345 34.84 16.07 -1.19
C ALA E 345 34.81 15.64 -2.61
N VAL E 346 35.94 15.79 -3.30
CA VAL E 346 36.05 15.35 -4.68
C VAL E 346 36.63 13.96 -4.76
N ASP E 347 35.87 12.96 -4.33
CA ASP E 347 36.35 11.60 -4.44
C ASP E 347 35.32 10.94 -5.31
N THR E 348 35.75 10.31 -6.39
CA THR E 348 34.81 9.73 -7.34
C THR E 348 34.43 8.31 -6.96
N GLU E 349 34.90 7.84 -5.80
CA GLU E 349 34.62 6.50 -5.39
C GLU E 349 33.58 6.41 -4.34
N ASN E 350 32.94 7.51 -4.02
CA ASN E 350 31.97 7.53 -2.98
C ASN E 350 30.70 6.84 -3.34
N ILE E 351 30.50 6.48 -4.58
CA ILE E 351 29.34 5.71 -4.93
C ILE E 351 29.55 4.22 -4.75
N ARG E 352 30.79 3.78 -4.94
CA ARG E 352 31.10 2.34 -4.82
C ARG E 352 31.17 2.02 -3.35
N ARG E 353 31.65 2.97 -2.55
CA ARG E 353 31.64 2.78 -1.10
C ARG E 353 30.23 2.51 -0.58
N VAL E 354 29.26 3.32 -1.01
CA VAL E 354 27.88 3.14 -0.54
C VAL E 354 27.25 1.91 -1.21
N PHE E 355 27.73 1.51 -2.39
CA PHE E 355 27.31 0.28 -3.07
C PHE E 355 27.76 -0.97 -2.29
N ASN E 356 29.04 -0.99 -1.90
CA ASN E 356 29.58 -2.15 -1.17
C ASN E 356 29.03 -2.22 0.25
N ASP E 357 28.87 -1.08 0.92
CA ASP E 357 28.31 -1.11 2.28
C ASP E 357 26.83 -1.43 2.29
N CYS E 358 26.06 -1.00 1.27
CA CYS E 358 24.65 -1.36 1.20
C CYS E 358 24.46 -2.84 0.85
N ARG E 359 25.38 -3.40 0.05
CA ARG E 359 25.49 -4.84 -0.16
C ARG E 359 25.75 -5.58 1.15
N ASP E 360 26.59 -4.99 2.02
CA ASP E 360 26.87 -5.57 3.33
C ASP E 360 25.64 -5.55 4.25
N ILE E 361 24.81 -4.49 4.23
CA ILE E 361 23.58 -4.47 5.05
C ILE E 361 22.54 -5.49 4.56
N ILE E 362 22.36 -5.64 3.24
CA ILE E 362 21.37 -6.67 2.84
C ILE E 362 21.93 -8.07 2.98
N GLN E 363 23.26 -8.22 3.00
CA GLN E 363 23.87 -9.49 3.38
C GLN E 363 23.71 -9.78 4.87
N ARG E 364 23.76 -8.73 5.73
CA ARG E 364 23.44 -8.86 7.16
C ARG E 364 22.03 -9.37 7.39
N MET E 365 21.06 -8.85 6.65
CA MET E 365 19.66 -9.20 6.87
C MET E 365 19.36 -10.55 6.33
N HIS E 366 19.86 -10.83 5.14
CA HIS E 366 19.61 -12.13 4.53
C HIS E 366 20.34 -13.27 5.22
N LEU E 367 21.47 -12.99 5.89
CA LEU E 367 22.06 -14.05 6.70
C LEU E 367 21.45 -14.10 8.10
N ARG E 368 20.75 -13.09 8.54
CA ARG E 368 20.18 -13.22 9.90
C ARG E 368 18.86 -13.94 9.75
N GLN E 369 18.25 -13.80 8.58
CA GLN E 369 16.92 -14.37 8.42
C GLN E 369 16.90 -15.86 8.75
N TYR E 370 17.85 -16.63 8.21
CA TYR E 370 17.92 -18.08 8.43
C TYR E 370 18.85 -18.47 9.58
N GLU E 371 19.02 -17.59 10.58
CA GLU E 371 19.81 -17.78 11.81
C GLU E 371 21.28 -18.14 11.52
N LEU E 372 21.87 -17.50 10.51
CA LEU E 372 23.26 -17.80 10.14
C LEU E 372 24.24 -16.78 10.68
N LEU E 373 23.77 -15.75 11.40
CA LEU E 373 24.66 -14.75 11.98
C LEU E 373 24.27 -14.48 13.44
#